data_5XOU
#
_entry.id   5XOU
#
_cell.length_a   112.747
_cell.length_b   114.982
_cell.length_c   160.441
_cell.angle_alpha   90.00
_cell.angle_beta   90.00
_cell.angle_gamma   90.00
#
_symmetry.space_group_name_H-M   'P 21 21 21'
#
loop_
_entity.id
_entity.type
_entity.pdbx_description
1 polymer 'TtAgo (D546N)'
2 polymer "DNA (5'-D(P*TP*GP*AP*GP*GP*TP*AP*TP*GP*GP*TP*TP*GP*T)-3')"
3 polymer "DNA (5'-D(*AP*CP*AP*AP*CP*CP*TP*AP*CP*TP*AP*CP*CP*TP*CP*G)-3')"
4 non-polymer 'MAGNESIUM ION'
5 water water
#
loop_
_entity_poly.entity_id
_entity_poly.type
_entity_poly.pdbx_seq_one_letter_code
_entity_poly.pdbx_strand_id
1 'polypeptide(L)'
;MNHLGKTEVFLNRFALRPLNPEELRPWRLEVVLDPPPGREEVYPLLAQVARRAGGVTVRMGDGLASWSPPEVLVLEGTLA
RMGQTYAYRLYPKGRRPLDPKDPGERSVLSALARRLLQERLRRLEGVWVEGLAVYRREHARGPGWRVLGGAVLDLWVSDS
GAFLLEVDPAYRILCEMSLEAWLAQGHPLPKRVRNAYDRRTWELLRLGEEDPKELPLPGGLSLLDYHASKGRLQGREGGR
VAWVADPKDPRKPIPHLTGLLVPVLTLEDLHEEEGSLALSLPWEERRRRTREIASWIGRRLGLGTPEAVRAQAYRLSIPK
LMGRRAVSKPADALRVGFYRAQETALALLRLDGAQGWPEFLRRALLRAFGASGASLRLHTLHAHPSQGLAFREALRKAKE
EGVQAVLVLTPPMAWEDRNRLKALLLREGLPSQILNVPLREEERHRWENALLGLLAKAGLQVVALSGAYPAELAVGFDAG
GRESFRFGGAACAVGGDGGHLLWTLPEAQAGERIPQEVVWDLLEETLWAFRRKAGRLPSRVLLLRNGRVPQDEFALALEA
LAREGIAYDLVSVRKSGGGRVYPVQGRLADGLYVPLEDKTFLLLTVHRDFRGTPRPLKLVHEAGDTPLEALAHQIFHLTR
LYPASGFAFPRLPAPLHLADRLVKEVGRLGIRHLKEVDREKLFFV
;
A,B
2 'polydeoxyribonucleotide'
;(DT)(DG)(DA)(DG)(DG)(DT)(DA)(DT)(DG)(DT)(DA)(DG)(DG)(DT)(DT)(DG)(DT)(DA)(DT)(DA)
(DG)(DT)
;
C,E
3 'polydeoxyribonucleotide' (DT)(DA)(DT)(DA)(DC)(DA)(DA)(DC)(DC)(DT)(DA)(DC)(DT)(DA)(DC)(DC)(DT)(DC)(DG) D,F
#
loop_
_chem_comp.id
_chem_comp.type
_chem_comp.name
_chem_comp.formula
DA DNA linking 2'-DEOXYADENOSINE-5'-MONOPHOSPHATE 'C10 H14 N5 O6 P'
DC DNA linking 2'-DEOXYCYTIDINE-5'-MONOPHOSPHATE 'C9 H14 N3 O7 P'
DG DNA linking 2'-DEOXYGUANOSINE-5'-MONOPHOSPHATE 'C10 H14 N5 O7 P'
DT DNA linking THYMIDINE-5'-MONOPHOSPHATE 'C10 H15 N2 O8 P'
MG non-polymer 'MAGNESIUM ION' 'Mg 2'
#
# COMPACT_ATOMS: atom_id res chain seq x y z
N LEU A 4 36.48 -26.76 -8.63
CA LEU A 4 35.85 -27.67 -7.69
C LEU A 4 36.80 -28.67 -7.06
N GLY A 5 36.35 -29.21 -5.92
CA GLY A 5 36.71 -30.52 -5.40
C GLY A 5 35.45 -31.30 -4.99
N LYS A 6 35.23 -32.47 -5.54
CA LYS A 6 34.05 -33.24 -5.15
C LYS A 6 34.24 -33.77 -3.75
N THR A 7 33.15 -33.91 -3.02
CA THR A 7 33.17 -34.43 -1.68
C THR A 7 31.82 -35.03 -1.31
N GLU A 8 31.66 -35.45 -0.06
CA GLU A 8 30.41 -36.07 0.33
C GLU A 8 29.92 -35.56 1.65
N VAL A 9 28.62 -35.32 1.74
CA VAL A 9 28.02 -34.84 2.97
C VAL A 9 26.86 -35.75 3.32
N PHE A 10 26.50 -35.75 4.59
CA PHE A 10 25.25 -36.31 5.08
C PHE A 10 24.22 -35.20 5.07
N LEU A 11 22.99 -35.54 4.71
CA LEU A 11 21.89 -34.63 4.97
C LEU A 11 21.26 -35.11 6.27
N ASN A 12 20.45 -34.30 6.92
CA ASN A 12 19.73 -34.77 8.10
C ASN A 12 18.46 -35.55 7.72
N ARG A 13 18.62 -36.45 6.77
CA ARG A 13 17.56 -37.34 6.31
C ARG A 13 18.08 -38.75 6.41
N PHE A 14 17.14 -39.66 6.60
CA PHE A 14 17.48 -41.04 6.86
C PHE A 14 16.53 -41.93 6.10
N ALA A 15 17.07 -42.82 5.30
CA ALA A 15 16.28 -43.79 4.60
C ALA A 15 15.80 -44.89 5.51
N LEU A 16 14.48 -45.13 5.50
CA LEU A 16 13.93 -46.22 6.27
C LEU A 16 13.35 -47.26 5.32
N ARG A 17 12.40 -48.04 5.79
CA ARG A 17 11.96 -49.19 4.99
C ARG A 17 11.23 -48.81 3.71
N PRO A 18 11.32 -49.67 2.69
CA PRO A 18 10.48 -49.50 1.49
C PRO A 18 8.99 -49.58 1.88
N LEU A 19 8.12 -48.86 1.17
CA LEU A 19 6.68 -49.02 1.40
C LEU A 19 6.24 -50.43 1.03
N ASN A 20 5.50 -51.09 1.92
CA ASN A 20 4.99 -52.44 1.63
C ASN A 20 3.91 -52.41 0.51
N PRO A 21 3.59 -53.58 -0.11
CA PRO A 21 2.66 -53.59 -1.26
C PRO A 21 1.27 -53.12 -0.97
N GLU A 22 0.99 -53.07 0.32
CA GLU A 22 -0.18 -52.59 0.86
C GLU A 22 -0.20 -51.04 0.94
N GLU A 23 0.90 -50.40 1.29
CA GLU A 23 0.95 -48.94 1.40
C GLU A 23 0.98 -48.33 0.01
N LEU A 24 1.35 -49.15 -0.97
CA LEU A 24 1.37 -48.69 -2.34
C LEU A 24 -0.02 -48.73 -2.97
N ARG A 25 -0.99 -49.42 -2.39
CA ARG A 25 -2.35 -49.41 -2.95
C ARG A 25 -3.25 -48.91 -1.79
N PRO A 26 -3.24 -47.62 -1.56
CA PRO A 26 -4.06 -47.16 -0.42
C PRO A 26 -5.50 -47.24 -0.78
N TRP A 27 -6.37 -47.28 0.24
CA TRP A 27 -7.80 -47.32 0.01
C TRP A 27 -8.30 -45.99 -0.40
N ARG A 28 -9.20 -46.00 -1.37
CA ARG A 28 -9.75 -44.72 -1.69
C ARG A 28 -11.19 -44.67 -1.17
N LEU A 29 -11.57 -43.48 -0.75
CA LEU A 29 -12.89 -43.25 -0.22
C LEU A 29 -13.45 -41.99 -0.83
N GLU A 30 -14.75 -42.07 -1.11
CA GLU A 30 -15.55 -40.94 -1.57
C GLU A 30 -16.17 -40.22 -0.41
N VAL A 31 -16.19 -38.90 -0.45
CA VAL A 31 -16.76 -38.14 0.66
C VAL A 31 -18.12 -37.51 0.29
N VAL A 32 -19.14 -37.75 1.09
CA VAL A 32 -20.39 -37.05 0.91
C VAL A 32 -20.77 -36.16 2.08
N LEU A 33 -20.75 -34.86 1.83
CA LEU A 33 -21.10 -33.85 2.81
C LEU A 33 -22.51 -33.25 2.68
N ASP A 34 -23.15 -32.99 3.82
CA ASP A 34 -24.48 -32.37 3.89
C ASP A 34 -24.60 -31.27 4.96
N PRO A 35 -24.69 -30.00 4.51
CA PRO A 35 -24.81 -29.57 3.09
C PRO A 35 -23.51 -29.52 2.25
N PRO A 36 -23.65 -29.50 0.94
CA PRO A 36 -22.48 -29.28 0.10
C PRO A 36 -21.91 -27.84 0.18
N PRO A 37 -20.56 -27.78 0.37
CA PRO A 37 -19.80 -26.55 0.65
C PRO A 37 -19.62 -25.65 -0.55
N GLY A 38 -19.32 -24.37 -0.28
CA GLY A 38 -19.08 -23.40 -1.30
C GLY A 38 -17.64 -23.69 -1.68
N ARG A 39 -17.08 -22.96 -2.64
CA ARG A 39 -15.72 -23.23 -3.13
C ARG A 39 -14.65 -23.06 -2.07
N GLU A 40 -14.85 -22.10 -1.17
CA GLU A 40 -13.81 -21.77 -0.20
C GLU A 40 -13.79 -22.76 0.92
N GLU A 41 -14.91 -23.40 1.18
CA GLU A 41 -14.88 -24.31 2.27
C GLU A 41 -14.59 -25.76 1.79
N VAL A 42 -14.69 -26.15 0.48
CA VAL A 42 -14.49 -27.60 0.24
C VAL A 42 -13.06 -28.20 0.56
N TYR A 43 -11.95 -27.68 0.05
CA TYR A 43 -10.63 -28.31 0.35
C TYR A 43 -10.28 -28.34 1.84
N PRO A 44 -10.48 -27.24 2.57
CA PRO A 44 -10.19 -27.43 3.99
C PRO A 44 -11.17 -28.33 4.68
N LEU A 45 -12.38 -28.44 4.16
CA LEU A 45 -13.36 -29.28 4.80
C LEU A 45 -13.08 -30.75 4.62
N LEU A 46 -12.56 -31.11 3.44
CA LEU A 46 -12.16 -32.47 3.20
C LEU A 46 -11.02 -32.79 4.15
N ALA A 47 -10.13 -31.82 4.37
CA ALA A 47 -9.03 -32.10 5.27
C ALA A 47 -9.55 -32.39 6.67
N GLN A 48 -10.58 -31.64 7.14
CA GLN A 48 -11.09 -31.89 8.49
C GLN A 48 -11.72 -33.27 8.53
N VAL A 49 -12.48 -33.61 7.48
CA VAL A 49 -13.05 -34.93 7.44
C VAL A 49 -12.00 -36.02 7.47
N ALA A 50 -10.86 -35.75 6.83
CA ALA A 50 -9.77 -36.73 6.80
C ALA A 50 -9.31 -37.00 8.22
N ARG A 51 -9.13 -35.94 8.97
CA ARG A 51 -8.72 -36.15 10.32
C ARG A 51 -9.79 -36.82 11.18
N ARG A 52 -11.01 -36.36 11.13
CA ARG A 52 -12.03 -36.93 11.99
C ARG A 52 -12.34 -38.42 11.66
N ALA A 53 -12.11 -38.90 10.44
CA ALA A 53 -12.28 -40.34 10.11
C ALA A 53 -11.28 -41.18 10.91
N GLY A 54 -10.18 -40.56 11.30
CA GLY A 54 -9.15 -41.23 12.08
C GLY A 54 -8.16 -42.07 11.27
N GLY A 55 -7.44 -42.95 11.95
CA GLY A 55 -6.39 -43.74 11.34
C GLY A 55 -5.37 -42.93 10.55
N VAL A 56 -4.96 -43.44 9.40
CA VAL A 56 -4.02 -42.69 8.62
C VAL A 56 -4.63 -42.40 7.28
N THR A 57 -5.29 -41.23 7.24
CA THR A 57 -6.09 -40.83 6.09
C THR A 57 -5.81 -39.37 5.71
N VAL A 58 -5.82 -39.07 4.41
CA VAL A 58 -5.49 -37.74 3.88
C VAL A 58 -6.38 -37.42 2.71
N ARG A 59 -6.45 -36.15 2.32
CA ARG A 59 -7.19 -35.80 1.11
C ARG A 59 -6.38 -36.32 -0.10
N MET A 60 -7.11 -36.85 -1.07
CA MET A 60 -6.54 -37.22 -2.36
C MET A 60 -7.55 -36.87 -3.39
N GLY A 61 -7.13 -35.92 -4.21
CA GLY A 61 -8.02 -35.39 -5.21
C GLY A 61 -9.15 -34.70 -4.50
N ASP A 62 -10.34 -35.04 -4.96
CA ASP A 62 -11.58 -34.59 -4.34
C ASP A 62 -12.14 -35.54 -3.31
N GLY A 63 -11.32 -36.48 -2.87
CA GLY A 63 -11.77 -37.51 -1.96
C GLY A 63 -10.73 -37.81 -0.90
N LEU A 64 -10.67 -39.07 -0.47
CA LEU A 64 -9.79 -39.44 0.61
C LEU A 64 -9.00 -40.69 0.26
N ALA A 65 -7.77 -40.75 0.79
CA ALA A 65 -6.97 -41.96 0.79
C ALA A 65 -6.60 -42.41 2.18
N SER A 66 -6.70 -43.71 2.46
CA SER A 66 -6.40 -44.16 3.80
C SER A 66 -5.50 -45.39 3.67
N TRP A 67 -4.55 -45.53 4.60
CA TRP A 67 -3.81 -46.78 4.73
C TRP A 67 -4.39 -47.62 5.84
N SER A 68 -5.57 -47.21 6.30
CA SER A 68 -6.33 -48.01 7.22
C SER A 68 -7.55 -48.42 6.45
N PRO A 69 -7.99 -49.67 6.64
CA PRO A 69 -9.24 -50.03 5.98
C PRO A 69 -10.43 -49.26 6.51
N PRO A 70 -11.41 -49.04 5.62
CA PRO A 70 -12.63 -48.24 5.91
C PRO A 70 -13.35 -48.74 7.15
N GLU A 71 -13.28 -50.06 7.35
CA GLU A 71 -13.95 -50.68 8.47
C GLU A 71 -13.41 -50.19 9.83
N VAL A 72 -12.17 -49.67 9.93
CA VAL A 72 -11.69 -49.07 11.17
C VAL A 72 -11.52 -47.52 11.06
N LEU A 73 -12.32 -46.95 10.17
CA LEU A 73 -12.42 -45.52 10.10
C LEU A 73 -13.81 -45.14 10.60
N VAL A 74 -14.00 -43.93 11.10
CA VAL A 74 -15.33 -43.41 11.37
C VAL A 74 -15.93 -42.88 10.12
N LEU A 75 -16.63 -43.77 9.41
CA LEU A 75 -17.14 -43.45 8.11
C LEU A 75 -18.32 -42.48 8.19
N GLU A 76 -19.11 -42.55 9.26
CA GLU A 76 -20.17 -41.55 9.39
C GLU A 76 -20.01 -40.62 10.59
N GLY A 77 -20.18 -39.31 10.38
CA GLY A 77 -20.02 -38.34 11.48
C GLY A 77 -20.38 -36.88 11.19
N THR A 78 -20.06 -35.97 12.13
CA THR A 78 -20.32 -34.51 11.97
C THR A 78 -19.04 -33.62 12.10
N LEU A 79 -19.16 -32.38 11.65
CA LEU A 79 -18.11 -31.42 11.48
C LEU A 79 -18.69 -30.08 11.78
N ALA A 80 -18.15 -29.53 12.86
CA ALA A 80 -18.47 -28.22 13.27
C ALA A 80 -17.30 -27.48 12.63
N ARG A 81 -17.65 -26.51 11.80
CA ARG A 81 -16.65 -25.73 11.05
C ARG A 81 -17.17 -24.31 10.95
N MET A 82 -16.53 -23.41 11.67
CA MET A 82 -17.02 -22.06 11.68
C MET A 82 -18.38 -22.15 12.34
N GLY A 83 -18.41 -22.87 13.47
CA GLY A 83 -19.65 -23.05 14.22
C GLY A 83 -20.78 -23.65 13.40
N GLN A 84 -20.75 -23.45 12.09
CA GLN A 84 -21.78 -23.96 11.19
C GLN A 84 -21.75 -25.45 11.31
N THR A 85 -22.53 -26.15 10.51
CA THR A 85 -22.48 -27.60 10.66
C THR A 85 -22.70 -28.58 9.48
N TYR A 86 -21.67 -29.37 9.14
CA TYR A 86 -21.75 -30.45 8.12
C TYR A 86 -21.81 -31.90 8.68
N ALA A 87 -22.63 -32.75 8.05
CA ALA A 87 -22.67 -34.20 8.32
C ALA A 87 -21.94 -34.88 7.20
N TYR A 88 -20.99 -35.74 7.54
CA TYR A 88 -20.26 -36.48 6.53
C TYR A 88 -20.54 -37.99 6.52
N ARG A 89 -20.53 -38.55 5.31
CA ARG A 89 -20.45 -40.00 5.17
C ARG A 89 -19.36 -40.38 4.16
N LEU A 90 -18.53 -41.34 4.54
CA LEU A 90 -17.49 -41.82 3.64
C LEU A 90 -17.94 -43.13 3.01
N TYR A 91 -17.83 -43.25 1.69
CA TYR A 91 -18.17 -44.49 1.01
C TYR A 91 -16.91 -45.08 0.42
N PRO A 92 -16.52 -46.28 0.87
CA PRO A 92 -15.29 -46.86 0.31
C PRO A 92 -15.48 -47.23 -1.14
N LYS A 93 -14.49 -46.83 -1.92
CA LYS A 93 -14.56 -47.09 -3.34
C LYS A 93 -13.32 -47.82 -3.88
N GLY A 94 -12.95 -48.93 -3.23
CA GLY A 94 -11.84 -49.78 -3.62
C GLY A 94 -10.51 -49.04 -3.46
N ARG A 95 -9.37 -49.69 -3.66
CA ARG A 95 -8.09 -48.98 -3.56
C ARG A 95 -7.47 -48.51 -4.88
N ARG A 96 -6.64 -47.46 -4.86
CA ARG A 96 -5.95 -47.24 -6.09
C ARG A 96 -4.45 -47.39 -5.94
N PRO A 97 -3.85 -48.09 -6.92
CA PRO A 97 -2.43 -48.31 -6.78
C PRO A 97 -1.74 -46.96 -6.91
N LEU A 98 -0.83 -46.65 -5.98
CA LEU A 98 -0.02 -45.46 -6.19
C LEU A 98 1.41 -45.77 -6.46
N ASP A 99 1.97 -44.97 -7.34
CA ASP A 99 3.33 -45.25 -7.67
C ASP A 99 4.34 -44.15 -7.32
N PRO A 100 5.34 -44.47 -6.52
CA PRO A 100 6.27 -43.41 -6.12
C PRO A 100 6.94 -42.63 -7.29
N LYS A 101 6.91 -43.09 -8.56
CA LYS A 101 7.57 -42.28 -9.60
C LYS A 101 6.82 -41.09 -10.11
N ASP A 102 5.51 -41.14 -10.11
CA ASP A 102 4.76 -39.96 -10.54
C ASP A 102 4.91 -38.98 -9.39
N PRO A 103 5.05 -37.64 -9.72
CA PRO A 103 5.25 -36.75 -8.56
C PRO A 103 3.97 -36.32 -7.89
N GLY A 104 2.84 -36.60 -8.53
CA GLY A 104 1.57 -36.23 -7.94
C GLY A 104 1.17 -37.40 -7.08
N GLU A 105 0.90 -38.52 -7.72
CA GLU A 105 0.53 -39.73 -7.03
C GLU A 105 1.47 -39.96 -5.86
N ARG A 106 2.64 -39.36 -5.91
CA ARG A 106 3.59 -39.50 -4.83
C ARG A 106 3.29 -38.50 -3.75
N SER A 107 2.93 -37.30 -4.15
CA SER A 107 2.63 -36.27 -3.17
C SER A 107 1.61 -36.80 -2.19
N VAL A 108 0.85 -37.79 -2.63
CA VAL A 108 -0.19 -38.38 -1.80
C VAL A 108 0.40 -39.36 -0.77
N LEU A 109 1.37 -40.16 -1.24
CA LEU A 109 2.08 -41.11 -0.38
C LEU A 109 2.83 -40.38 0.76
N SER A 110 3.45 -39.24 0.46
CA SER A 110 4.16 -38.45 1.46
C SER A 110 3.18 -37.87 2.46
N ALA A 111 2.03 -37.45 1.96
CA ALA A 111 0.99 -36.97 2.86
C ALA A 111 0.57 -38.06 3.84
N LEU A 112 0.35 -39.26 3.29
CA LEU A 112 0.06 -40.41 4.13
C LEU A 112 1.19 -40.72 5.10
N ALA A 113 2.43 -40.52 4.66
CA ALA A 113 3.57 -40.80 5.50
C ALA A 113 3.64 -39.84 6.67
N ARG A 114 3.47 -38.55 6.42
CA ARG A 114 3.43 -37.58 7.51
C ARG A 114 2.34 -37.84 8.50
N ARG A 115 1.16 -38.15 7.98
CA ARG A 115 0.09 -38.49 8.89
C ARG A 115 0.46 -39.73 9.76
N LEU A 116 0.98 -40.78 9.14
CA LEU A 116 1.43 -41.98 9.85
C LEU A 116 2.39 -41.57 10.95
N LEU A 117 3.39 -40.74 10.62
CA LEU A 117 4.37 -40.30 11.61
C LEU A 117 3.79 -39.58 12.81
N GLN A 118 2.99 -38.56 12.52
CA GLN A 118 2.34 -37.74 13.51
C GLN A 118 1.49 -38.65 14.39
N GLU A 119 0.67 -39.51 13.75
CA GLU A 119 -0.26 -40.42 14.42
C GLU A 119 0.39 -41.45 15.31
N ARG A 120 1.48 -41.99 14.78
CA ARG A 120 2.21 -43.00 15.49
C ARG A 120 2.96 -42.39 16.64
N LEU A 121 3.47 -41.15 16.49
CA LEU A 121 4.10 -40.46 17.59
C LEU A 121 3.14 -40.14 18.75
N ARG A 122 1.89 -39.76 18.44
CA ARG A 122 0.95 -39.53 19.55
C ARG A 122 0.71 -40.68 20.45
N ARG A 123 0.99 -41.86 19.92
CA ARG A 123 0.61 -43.04 20.60
C ARG A 123 1.81 -43.69 21.30
N LEU A 124 2.86 -42.92 21.48
CA LEU A 124 4.02 -43.30 22.23
C LEU A 124 3.84 -42.82 23.63
N GLU A 125 4.35 -43.59 24.59
CA GLU A 125 4.30 -43.17 25.96
C GLU A 125 5.72 -43.32 26.59
N GLY A 126 6.21 -42.51 27.55
CA GLY A 126 5.85 -41.26 28.16
C GLY A 126 6.90 -40.29 27.51
N VAL A 127 6.58 -39.70 26.38
CA VAL A 127 7.43 -38.71 25.72
C VAL A 127 6.57 -37.51 25.39
N TRP A 128 7.19 -36.39 25.08
CA TRP A 128 6.42 -35.18 24.79
C TRP A 128 6.16 -34.80 23.36
N VAL A 129 4.94 -35.09 22.92
CA VAL A 129 4.55 -34.83 21.55
C VAL A 129 3.70 -33.55 21.27
N GLU A 130 4.18 -32.76 20.31
CA GLU A 130 3.49 -31.57 19.78
C GLU A 130 3.44 -31.61 18.27
N GLY A 131 2.39 -32.21 17.72
CA GLY A 131 2.31 -32.37 16.29
C GLY A 131 3.41 -33.32 15.89
N LEU A 132 4.37 -32.79 15.15
CA LEU A 132 5.50 -33.53 14.66
C LEU A 132 6.77 -33.37 15.53
N ALA A 133 6.66 -32.74 16.69
CA ALA A 133 7.82 -32.62 17.59
C ALA A 133 7.76 -33.53 18.81
N VAL A 134 8.89 -34.12 19.18
CA VAL A 134 8.96 -34.97 20.37
C VAL A 134 10.07 -34.48 21.28
N TYR A 135 9.82 -34.49 22.58
CA TYR A 135 10.86 -34.16 23.52
C TYR A 135 11.04 -35.29 24.53
N ARG A 136 12.29 -35.78 24.48
CA ARG A 136 12.82 -36.97 25.11
C ARG A 136 13.66 -36.60 26.35
N ARG A 137 13.06 -36.36 27.51
CA ARG A 137 13.81 -35.98 28.73
C ARG A 137 14.41 -34.57 28.65
N GLU A 138 15.71 -34.44 28.96
CA GLU A 138 16.33 -33.11 28.96
C GLU A 138 17.81 -33.14 28.60
N VAL A 147 14.68 -26.77 30.63
CA VAL A 147 13.50 -27.43 30.07
C VAL A 147 13.81 -28.81 29.49
N LEU A 148 12.92 -29.28 28.62
CA LEU A 148 13.09 -30.56 27.93
C LEU A 148 13.91 -30.47 26.65
N GLY A 149 14.47 -31.60 26.21
CA GLY A 149 15.23 -31.69 24.95
C GLY A 149 14.68 -32.78 24.03
N GLY A 150 14.64 -32.51 22.72
CA GLY A 150 14.11 -33.51 21.82
C GLY A 150 14.41 -33.27 20.36
N ALA A 151 13.46 -33.57 19.48
CA ALA A 151 13.61 -33.31 18.05
C ALA A 151 12.31 -33.01 17.31
N VAL A 152 12.42 -32.25 16.23
CA VAL A 152 11.37 -32.09 15.20
C VAL A 152 11.57 -33.09 14.10
N LEU A 153 10.48 -33.72 13.68
CA LEU A 153 10.56 -34.82 12.73
C LEU A 153 9.70 -34.62 11.52
N ASP A 154 10.11 -35.27 10.43
CA ASP A 154 9.25 -35.37 9.27
C ASP A 154 9.34 -36.74 8.57
N LEU A 155 8.29 -37.09 7.84
CA LEU A 155 8.23 -38.33 7.04
C LEU A 155 7.66 -38.05 5.69
N TRP A 156 8.35 -38.53 4.66
CA TRP A 156 7.77 -38.48 3.33
C TRP A 156 8.17 -39.66 2.51
N VAL A 157 7.85 -39.63 1.22
CA VAL A 157 8.17 -40.78 0.40
C VAL A 157 9.17 -40.42 -0.67
N SER A 158 10.23 -41.24 -0.81
CA SER A 158 11.18 -40.95 -1.89
C SER A 158 10.60 -41.47 -3.17
N ASP A 159 11.16 -41.06 -4.29
CA ASP A 159 10.70 -41.53 -5.56
C ASP A 159 11.10 -42.98 -5.76
N SER A 160 12.00 -43.48 -4.96
CA SER A 160 12.39 -44.88 -5.12
C SER A 160 11.45 -45.65 -4.20
N GLY A 161 10.47 -44.90 -3.68
CA GLY A 161 9.39 -45.46 -2.89
C GLY A 161 9.80 -45.96 -1.53
N ALA A 162 10.60 -45.17 -0.84
CA ALA A 162 10.92 -45.46 0.55
C ALA A 162 10.66 -44.26 1.44
N PHE A 163 10.36 -44.54 2.70
CA PHE A 163 10.13 -43.49 3.67
C PHE A 163 11.41 -42.72 3.83
N LEU A 164 11.27 -41.43 4.10
CA LEU A 164 12.38 -40.54 4.41
C LEU A 164 12.14 -39.70 5.64
N LEU A 165 13.06 -39.81 6.61
CA LEU A 165 12.97 -39.11 7.90
C LEU A 165 13.86 -37.89 8.05
N GLU A 166 13.25 -36.72 8.33
CA GLU A 166 14.10 -35.58 8.65
C GLU A 166 14.10 -35.43 10.16
N VAL A 167 15.26 -35.21 10.75
CA VAL A 167 15.36 -35.16 12.20
C VAL A 167 16.19 -33.94 12.51
N ASP A 168 15.67 -33.07 13.37
CA ASP A 168 16.44 -31.91 13.84
C ASP A 168 16.22 -31.61 15.30
N PRO A 169 17.25 -31.74 16.14
CA PRO A 169 17.01 -31.48 17.57
C PRO A 169 16.43 -30.07 17.81
N ALA A 170 15.51 -29.98 18.79
CA ALA A 170 14.84 -28.73 19.14
C ALA A 170 14.43 -28.68 20.62
N LEU A 281 23.54 -25.14 19.12
CA LEU A 281 24.38 -26.33 19.25
C LEU A 281 25.61 -26.29 18.37
N PRO A 282 26.75 -26.76 18.89
CA PRO A 282 27.85 -26.92 17.93
C PRO A 282 27.41 -27.93 16.87
N TRP A 283 27.93 -27.84 15.65
CA TRP A 283 27.40 -28.64 14.56
C TRP A 283 27.57 -30.13 14.76
N GLU A 284 28.67 -30.47 15.39
CA GLU A 284 29.06 -31.84 15.71
C GLU A 284 28.05 -32.46 16.68
N GLU A 285 27.71 -31.67 17.70
CA GLU A 285 26.72 -32.10 18.65
C GLU A 285 25.34 -32.36 18.08
N ARG A 286 24.93 -31.41 17.26
CA ARG A 286 23.66 -31.46 16.59
C ARG A 286 23.65 -32.75 15.74
N ARG A 287 24.75 -33.00 15.03
CA ARG A 287 24.82 -34.18 14.18
C ARG A 287 24.65 -35.46 14.93
N ARG A 288 25.34 -35.54 16.07
CA ARG A 288 25.30 -36.71 16.94
C ARG A 288 23.89 -37.03 17.43
N ARG A 289 23.32 -36.00 18.06
CA ARG A 289 21.98 -36.03 18.59
C ARG A 289 20.97 -36.39 17.47
N THR A 290 21.23 -35.85 16.28
CA THR A 290 20.39 -36.17 15.12
C THR A 290 20.36 -37.68 14.84
N ARG A 291 21.54 -38.29 14.88
CA ARG A 291 21.70 -39.76 14.63
C ARG A 291 21.06 -40.62 15.70
N GLU A 292 21.28 -40.20 16.95
CA GLU A 292 20.70 -40.89 18.09
C GLU A 292 19.21 -40.90 17.99
N ILE A 293 18.64 -39.73 17.80
CA ILE A 293 17.21 -39.58 17.72
C ILE A 293 16.65 -40.27 16.49
N ALA A 294 17.36 -40.22 15.36
CA ALA A 294 16.91 -40.98 14.18
C ALA A 294 16.76 -42.48 14.45
N SER A 295 17.75 -43.11 15.09
CA SER A 295 17.60 -44.53 15.31
C SER A 295 16.53 -44.91 16.39
N TRP A 296 16.56 -44.10 17.47
CA TRP A 296 15.62 -44.25 18.57
C TRP A 296 14.22 -44.19 17.96
N ILE A 297 13.93 -43.18 17.14
CA ILE A 297 12.66 -43.17 16.49
C ILE A 297 12.37 -44.28 15.47
N GLY A 298 13.30 -44.55 14.56
CA GLY A 298 13.08 -45.58 13.57
C GLY A 298 12.71 -47.00 14.02
N ARG A 299 13.30 -47.51 15.07
CA ARG A 299 12.94 -48.84 15.41
C ARG A 299 11.56 -48.83 16.14
N ARG A 300 11.45 -47.84 17.00
CA ARG A 300 10.31 -47.68 17.87
C ARG A 300 9.05 -47.51 16.99
N LEU A 301 9.19 -46.86 15.84
CA LEU A 301 8.07 -46.63 15.00
C LEU A 301 7.91 -47.75 14.00
N GLY A 302 8.76 -48.75 14.12
CA GLY A 302 8.69 -49.91 13.23
C GLY A 302 8.91 -49.62 11.77
N LEU A 303 9.80 -48.67 11.46
CA LEU A 303 10.13 -48.26 10.09
C LEU A 303 11.46 -48.85 9.64
N GLY A 304 12.10 -49.52 10.57
CA GLY A 304 13.34 -50.24 10.33
C GLY A 304 14.56 -49.50 10.86
N THR A 305 15.75 -49.83 10.35
CA THR A 305 16.89 -49.16 10.91
C THR A 305 17.21 -48.03 9.92
N PRO A 306 17.37 -46.80 10.44
CA PRO A 306 17.60 -45.58 9.64
C PRO A 306 18.99 -45.51 9.07
N GLU A 307 19.18 -45.31 7.78
CA GLU A 307 20.54 -45.16 7.34
C GLU A 307 20.69 -43.76 6.68
N ALA A 308 21.63 -42.93 7.15
CA ALA A 308 21.73 -41.53 6.76
C ALA A 308 22.14 -41.37 5.31
N VAL A 309 21.48 -40.44 4.64
CA VAL A 309 21.75 -40.13 3.26
C VAL A 309 22.91 -39.22 2.99
N ARG A 310 23.67 -39.68 2.00
CA ARG A 310 24.84 -39.00 1.52
C ARG A 310 24.49 -38.38 0.21
N ALA A 311 25.11 -37.23 -0.03
CA ALA A 311 24.98 -36.48 -1.27
C ALA A 311 26.36 -35.99 -1.69
N GLN A 312 26.55 -35.95 -2.98
CA GLN A 312 27.78 -35.42 -3.55
C GLN A 312 27.77 -33.89 -3.39
N ALA A 313 28.87 -33.36 -2.87
CA ALA A 313 28.92 -31.95 -2.60
C ALA A 313 30.16 -31.42 -3.28
N TYR A 314 30.12 -30.15 -3.68
CA TYR A 314 31.24 -29.53 -4.37
C TYR A 314 31.69 -28.33 -3.62
N ARG A 315 33.01 -28.17 -3.57
CA ARG A 315 33.63 -27.05 -2.90
C ARG A 315 33.88 -25.91 -3.81
N LEU A 316 33.20 -24.81 -3.57
CA LEU A 316 33.31 -23.63 -4.43
C LEU A 316 34.63 -22.85 -4.21
N SER A 317 35.10 -22.18 -5.26
CA SER A 317 36.33 -21.39 -5.12
C SER A 317 36.06 -20.31 -4.08
N ILE A 318 37.13 -19.84 -3.42
CA ILE A 318 37.03 -18.82 -2.37
C ILE A 318 36.97 -17.49 -3.14
N PRO A 319 35.96 -16.65 -2.81
CA PRO A 319 35.82 -15.40 -3.56
C PRO A 319 36.94 -14.44 -3.26
N LYS A 320 37.35 -13.60 -4.20
CA LYS A 320 38.42 -12.65 -3.94
C LYS A 320 37.95 -11.23 -3.71
N LEU A 321 37.82 -10.81 -2.45
CA LEU A 321 37.37 -9.42 -2.13
C LEU A 321 38.43 -8.32 -2.30
N MET A 322 38.03 -7.19 -2.87
CA MET A 322 38.95 -6.08 -3.08
C MET A 322 38.47 -4.80 -2.42
N GLY A 323 39.38 -4.15 -1.70
CA GLY A 323 39.19 -2.76 -1.35
C GLY A 323 40.08 -2.05 -2.37
N ARG A 324 40.87 -1.07 -1.95
CA ARG A 324 41.89 -0.51 -2.85
C ARG A 324 42.81 -1.65 -3.23
N ARG A 325 43.01 -2.55 -2.27
CA ARG A 325 43.64 -3.81 -2.61
C ARG A 325 42.89 -4.92 -1.90
N ALA A 326 43.42 -6.13 -2.02
CA ALA A 326 42.80 -7.34 -1.50
C ALA A 326 42.52 -7.18 -0.03
N VAL A 327 41.38 -7.69 0.40
CA VAL A 327 40.97 -7.74 1.82
C VAL A 327 40.35 -9.11 2.09
N SER A 328 40.28 -9.49 3.36
CA SER A 328 39.60 -10.72 3.76
C SER A 328 38.24 -10.43 4.30
N LYS A 329 38.10 -9.18 4.72
CA LYS A 329 36.86 -8.66 5.26
C LYS A 329 36.69 -7.22 4.85
N PRO A 330 35.44 -6.73 4.85
CA PRO A 330 35.18 -5.36 4.39
C PRO A 330 35.78 -4.28 5.28
N ALA A 331 35.89 -4.55 6.58
CA ALA A 331 36.53 -3.63 7.48
C ALA A 331 37.98 -3.26 7.16
N ASP A 332 38.64 -4.12 6.41
CA ASP A 332 40.01 -3.90 6.01
C ASP A 332 40.13 -2.74 5.05
N ALA A 333 39.05 -2.48 4.31
CA ALA A 333 39.07 -1.35 3.38
C ALA A 333 39.36 -0.03 4.14
N LEU A 334 39.04 0.01 5.43
CA LEU A 334 39.34 1.17 6.29
C LEU A 334 40.84 1.40 6.41
N ARG A 335 41.68 0.34 6.35
CA ARG A 335 43.12 0.54 6.44
C ARG A 335 43.78 0.60 5.06
N VAL A 336 43.28 -0.15 4.08
CA VAL A 336 43.99 -0.28 2.82
C VAL A 336 43.36 0.65 1.81
N GLY A 337 42.16 1.17 2.11
CA GLY A 337 41.51 2.05 1.14
C GLY A 337 40.34 1.37 0.43
N PHE A 338 39.40 2.18 -0.06
CA PHE A 338 38.18 1.64 -0.65
C PHE A 338 38.35 1.26 -2.10
N TYR A 339 37.47 0.38 -2.56
CA TYR A 339 37.47 -0.02 -3.94
C TYR A 339 37.36 1.14 -4.87
N ARG A 340 36.37 2.00 -4.66
CA ARG A 340 36.31 3.21 -5.43
C ARG A 340 35.97 4.38 -4.51
N ALA A 341 36.91 5.30 -4.36
CA ALA A 341 36.71 6.46 -3.49
C ALA A 341 36.49 7.69 -4.32
N GLN A 342 35.68 8.60 -3.84
CA GLN A 342 35.48 9.87 -4.49
C GLN A 342 35.40 10.93 -3.39
N GLU A 343 35.55 12.20 -3.76
CA GLU A 343 35.48 13.29 -2.81
C GLU A 343 34.09 13.32 -2.10
N THR A 344 34.21 13.17 -0.78
CA THR A 344 33.09 13.03 0.10
C THR A 344 33.07 14.08 1.21
N ALA A 345 31.87 14.36 1.69
CA ALA A 345 31.65 15.28 2.78
C ALA A 345 30.70 14.58 3.71
N LEU A 346 31.06 14.52 4.98
CA LEU A 346 30.20 13.84 5.91
C LEU A 346 29.85 14.82 7.02
N ALA A 347 28.66 14.70 7.62
CA ALA A 347 28.37 15.65 8.69
C ALA A 347 28.15 14.91 10.02
N LEU A 348 28.46 15.56 11.14
CA LEU A 348 28.20 14.99 12.45
C LEU A 348 27.09 15.73 13.18
N LEU A 349 26.13 14.96 13.70
CA LEU A 349 25.03 15.45 14.52
C LEU A 349 25.13 14.77 15.87
N ARG A 350 25.37 15.60 16.88
CA ARG A 350 25.48 15.14 18.24
C ARG A 350 24.19 15.33 19.01
N LEU A 351 23.61 14.25 19.51
CA LEU A 351 22.44 14.46 20.33
C LEU A 351 22.80 14.28 21.79
N ASP A 352 24.08 14.43 22.13
CA ASP A 352 24.46 14.07 23.47
C ASP A 352 24.97 15.32 24.17
N GLY A 353 25.07 16.43 23.43
CA GLY A 353 25.47 17.67 24.07
C GLY A 353 26.98 17.74 24.11
N ALA A 354 27.64 16.90 23.36
CA ALA A 354 29.08 16.95 23.44
C ALA A 354 29.80 17.51 22.26
N GLN A 355 31.12 17.54 22.41
CA GLN A 355 32.14 18.12 21.52
C GLN A 355 31.85 18.22 20.02
N GLY A 356 32.81 17.63 19.31
CA GLY A 356 33.01 17.79 17.87
C GLY A 356 33.17 16.31 17.57
N TRP A 357 33.88 15.99 16.51
CA TRP A 357 34.14 14.61 16.16
C TRP A 357 35.00 13.98 17.23
N PRO A 358 34.63 12.79 17.73
CA PRO A 358 35.65 12.13 18.54
C PRO A 358 36.90 11.93 17.68
N GLU A 359 38.08 12.15 18.26
CA GLU A 359 39.32 12.16 17.49
C GLU A 359 39.64 10.84 16.82
N PHE A 360 39.39 9.74 17.50
CA PHE A 360 39.71 8.44 16.88
C PHE A 360 38.86 8.21 15.61
N LEU A 361 37.60 8.68 15.59
CA LEU A 361 36.78 8.58 14.40
C LEU A 361 37.36 9.43 13.28
N ARG A 362 37.75 10.66 13.62
CA ARG A 362 38.33 11.54 12.60
C ARG A 362 39.61 10.92 12.01
N ARG A 363 40.50 10.44 12.89
CA ARG A 363 41.69 9.79 12.37
C ARG A 363 41.37 8.61 11.49
N ALA A 364 40.49 7.72 11.95
CA ALA A 364 40.16 6.56 11.10
C ALA A 364 39.65 6.93 9.73
N LEU A 365 38.71 7.87 9.66
CA LEU A 365 38.21 8.31 8.37
C LEU A 365 39.29 8.90 7.48
N LEU A 366 40.06 9.80 8.07
CA LEU A 366 41.17 10.45 7.39
C LEU A 366 42.11 9.43 6.81
N ARG A 367 42.40 8.42 7.63
CA ARG A 367 43.26 7.33 7.25
C ARG A 367 42.71 6.53 6.06
N ALA A 368 41.42 6.21 6.14
CA ALA A 368 40.76 5.49 5.07
C ALA A 368 40.83 6.27 3.75
N PHE A 369 40.55 7.57 3.81
CA PHE A 369 40.57 8.36 2.57
C PHE A 369 41.95 8.68 2.07
N GLY A 370 42.94 8.65 2.97
CA GLY A 370 44.31 8.85 2.57
C GLY A 370 44.75 7.64 1.78
N ALA A 371 44.44 6.48 2.32
CA ALA A 371 44.75 5.25 1.63
C ALA A 371 44.04 5.18 0.28
N SER A 372 42.81 5.69 0.23
CA SER A 372 42.02 5.66 -0.99
C SER A 372 42.42 6.73 -2.03
N GLY A 373 43.20 7.72 -1.60
CA GLY A 373 43.56 8.79 -2.51
C GLY A 373 42.41 9.76 -2.83
N ALA A 374 41.40 9.82 -1.96
CA ALA A 374 40.29 10.74 -2.13
C ALA A 374 40.26 11.75 -1.01
N SER A 375 39.69 12.92 -1.27
CA SER A 375 39.62 13.99 -0.27
C SER A 375 38.34 13.95 0.56
N LEU A 376 38.47 14.19 1.85
CA LEU A 376 37.34 14.16 2.77
C LEU A 376 37.09 15.54 3.39
N ARG A 377 35.83 15.94 3.52
CA ARG A 377 35.50 17.17 4.22
C ARG A 377 34.50 16.78 5.32
N LEU A 378 34.83 17.11 6.57
CA LEU A 378 33.97 16.82 7.73
C LEU A 378 33.25 18.06 8.25
N HIS A 379 31.93 17.95 8.40
CA HIS A 379 31.09 19.05 8.85
C HIS A 379 30.47 18.73 10.21
N THR A 380 30.02 19.77 10.90
CA THR A 380 29.27 19.59 12.14
C THR A 380 27.95 20.32 12.03
N LEU A 381 26.88 19.59 12.30
CA LEU A 381 25.59 20.24 12.34
C LEU A 381 25.29 20.83 13.69
N HIS A 382 25.24 22.16 13.74
CA HIS A 382 24.98 22.86 14.97
C HIS A 382 23.48 23.08 15.04
N ALA A 383 22.73 21.99 15.03
CA ALA A 383 21.31 22.12 15.15
C ALA A 383 20.81 20.90 15.86
N HIS A 384 19.66 21.02 16.46
CA HIS A 384 19.11 19.94 17.19
C HIS A 384 17.78 19.72 16.58
N PRO A 385 17.28 18.42 16.64
CA PRO A 385 15.97 18.25 16.03
C PRO A 385 14.93 18.89 16.89
N SER A 386 15.29 19.20 18.11
CA SER A 386 14.37 19.81 19.05
C SER A 386 14.04 21.22 18.65
N GLN A 387 14.63 21.68 17.56
CA GLN A 387 14.31 23.04 17.14
C GLN A 387 13.29 22.99 16.03
N GLY A 388 12.72 21.82 15.79
CA GLY A 388 11.65 21.66 14.82
C GLY A 388 12.06 22.03 13.40
N LEU A 389 11.49 23.07 12.80
CA LEU A 389 11.69 23.33 11.36
C LEU A 389 12.98 23.99 11.12
N ALA A 390 13.46 24.75 12.08
CA ALA A 390 14.76 25.35 11.90
C ALA A 390 15.78 24.24 11.77
N PHE A 391 15.53 23.10 12.41
CA PHE A 391 16.43 21.97 12.23
C PHE A 391 16.42 21.49 10.76
N ARG A 392 15.24 21.34 10.17
CA ARG A 392 15.19 20.98 8.76
C ARG A 392 15.96 22.00 7.89
N GLU A 393 15.86 23.28 8.21
CA GLU A 393 16.67 24.26 7.48
C GLU A 393 18.15 24.03 7.50
N ALA A 394 18.70 23.71 8.67
CA ALA A 394 20.11 23.42 8.76
C ALA A 394 20.46 22.20 7.91
N LEU A 395 19.59 21.18 7.93
CA LEU A 395 19.79 20.02 7.08
C LEU A 395 19.90 20.44 5.64
N ARG A 396 18.94 21.24 5.19
CA ARG A 396 18.97 21.69 3.81
C ARG A 396 20.22 22.43 3.45
N LYS A 397 20.63 23.29 4.37
CA LYS A 397 21.85 24.04 4.19
C LYS A 397 23.04 23.07 4.04
N ALA A 398 23.14 22.12 4.94
CA ALA A 398 24.21 21.15 4.88
C ALA A 398 24.25 20.40 3.59
N LYS A 399 23.10 20.02 3.09
CA LYS A 399 23.04 19.26 1.88
C LYS A 399 23.46 20.07 0.69
N GLU A 400 23.20 21.37 0.71
CA GLU A 400 23.60 22.21 -0.39
C GLU A 400 25.10 22.35 -0.39
N GLU A 401 25.67 22.42 0.79
CA GLU A 401 27.10 22.57 0.93
C GLU A 401 27.82 21.34 0.50
N GLY A 402 27.10 20.25 0.35
CA GLY A 402 27.75 19.04 -0.12
C GLY A 402 27.71 17.82 0.80
N VAL A 403 27.12 17.95 1.97
CA VAL A 403 27.08 16.81 2.86
C VAL A 403 26.29 15.67 2.21
N GLN A 404 26.84 14.46 2.30
CA GLN A 404 26.29 13.30 1.63
C GLN A 404 25.60 12.33 2.56
N ALA A 405 26.05 12.32 3.81
CA ALA A 405 25.50 11.44 4.84
C ALA A 405 25.78 12.02 6.23
N VAL A 406 25.02 11.59 7.24
CA VAL A 406 25.24 12.10 8.58
C VAL A 406 25.52 11.01 9.59
N LEU A 407 26.49 11.27 10.46
CA LEU A 407 26.77 10.38 11.58
C LEU A 407 26.08 10.95 12.82
N VAL A 408 25.21 10.15 13.43
CA VAL A 408 24.48 10.59 14.61
C VAL A 408 24.97 9.92 15.90
N LEU A 409 25.59 10.71 16.76
CA LEU A 409 26.02 10.27 18.08
C LEU A 409 24.96 10.55 19.12
N THR A 410 24.33 9.49 19.58
CA THR A 410 23.19 9.61 20.46
C THR A 410 23.15 8.54 21.51
N PRO A 411 22.55 8.86 22.65
CA PRO A 411 22.24 7.79 23.60
C PRO A 411 21.24 6.90 22.92
N PRO A 412 21.10 5.66 23.37
CA PRO A 412 20.17 4.76 22.70
C PRO A 412 18.78 5.37 22.58
N MET A 413 18.21 5.30 21.37
CA MET A 413 16.95 5.94 21.03
C MET A 413 15.86 4.87 21.01
N ALA A 414 14.65 5.23 21.43
CA ALA A 414 13.45 4.41 21.24
C ALA A 414 13.15 4.23 19.75
N TRP A 415 12.60 3.08 19.35
CA TRP A 415 12.27 2.82 17.95
C TRP A 415 11.55 3.99 17.25
N GLU A 416 10.56 4.62 17.90
CA GLU A 416 9.82 5.68 17.23
C GLU A 416 10.73 6.90 16.97
N ASP A 417 11.53 7.29 17.95
CA ASP A 417 12.43 8.44 17.81
C ASP A 417 13.47 8.17 16.75
N ARG A 418 13.95 6.94 16.72
CA ARG A 418 14.89 6.58 15.68
C ARG A 418 14.22 6.73 14.31
N ASN A 419 13.07 6.10 14.15
CA ASN A 419 12.34 6.18 12.89
C ASN A 419 12.05 7.59 12.45
N ARG A 420 11.58 8.38 13.37
CA ARG A 420 11.25 9.75 13.08
C ARG A 420 12.49 10.55 12.62
N LEU A 421 13.59 10.40 13.35
CA LEU A 421 14.82 11.09 13.04
C LEU A 421 15.37 10.74 11.66
N LYS A 422 15.46 9.44 11.41
CA LYS A 422 15.90 8.86 10.15
C LYS A 422 15.09 9.47 9.03
N ALA A 423 13.76 9.32 9.14
CA ALA A 423 12.85 9.83 8.14
C ALA A 423 13.04 11.32 7.88
N LEU A 424 13.16 12.10 8.97
CA LEU A 424 13.40 13.54 8.83
C LEU A 424 14.63 13.87 8.00
N LEU A 425 15.77 13.23 8.31
CA LEU A 425 16.96 13.48 7.48
C LEU A 425 16.83 13.04 6.06
N LEU A 426 16.23 11.90 5.92
CA LEU A 426 15.95 11.31 4.64
C LEU A 426 15.16 12.29 3.75
N ARG A 427 14.19 12.98 4.33
CA ARG A 427 13.31 13.92 3.60
C ARG A 427 14.09 15.07 3.00
N GLU A 428 15.25 15.34 3.59
CA GLU A 428 16.20 16.28 3.01
C GLU A 428 17.31 15.60 2.22
N GLY A 429 17.12 14.32 1.87
CA GLY A 429 18.07 13.54 1.05
C GLY A 429 19.37 13.15 1.75
N LEU A 430 19.35 13.10 3.08
CA LEU A 430 20.54 12.76 3.84
C LEU A 430 20.42 11.42 4.56
N PRO A 431 21.08 10.38 4.03
CA PRO A 431 21.13 9.14 4.81
C PRO A 431 21.85 9.36 6.14
N SER A 432 21.54 8.57 7.16
CA SER A 432 22.18 8.73 8.45
C SER A 432 22.64 7.40 9.01
N GLN A 433 23.70 7.43 9.81
CA GLN A 433 24.16 6.27 10.52
C GLN A 433 24.12 6.57 12.00
N ILE A 434 23.43 5.74 12.78
CA ILE A 434 23.43 5.98 14.21
C ILE A 434 24.58 5.20 14.89
N LEU A 435 25.24 5.86 15.84
CA LEU A 435 26.21 5.18 16.72
C LEU A 435 25.91 5.58 18.16
N ASN A 436 25.64 4.61 19.03
CA ASN A 436 25.27 5.00 20.39
C ASN A 436 26.46 5.41 21.22
N VAL A 437 26.30 6.47 22.00
CA VAL A 437 27.09 6.77 23.19
C VAL A 437 26.50 6.12 24.44
N PRO A 438 27.33 5.82 25.44
CA PRO A 438 28.77 6.01 25.58
C PRO A 438 29.58 5.18 24.57
N LEU A 439 30.67 5.73 24.08
CA LEU A 439 31.46 5.13 23.04
C LEU A 439 32.93 5.13 23.48
N ARG A 440 33.58 3.99 23.51
CA ARG A 440 34.98 3.85 23.92
C ARG A 440 35.82 3.40 22.75
N GLU A 441 36.98 3.99 22.57
CA GLU A 441 37.87 3.64 21.47
C GLU A 441 38.10 2.15 21.37
N GLU A 442 38.09 1.40 22.48
CA GLU A 442 38.39 0.01 22.31
C GLU A 442 37.20 -0.83 21.78
N GLU A 443 36.03 -0.24 21.65
CA GLU A 443 34.90 -0.94 21.01
C GLU A 443 35.02 -0.82 19.52
N ARG A 444 36.11 -1.34 18.98
CA ARG A 444 36.51 -1.08 17.60
C ARG A 444 35.50 -1.68 16.61
N HIS A 445 34.97 -2.88 16.89
CA HIS A 445 34.04 -3.52 15.95
C HIS A 445 32.78 -2.72 15.68
N ARG A 446 32.16 -2.29 16.76
CA ARG A 446 30.96 -1.47 16.67
C ARG A 446 31.20 -0.19 15.89
N TRP A 447 32.15 0.62 16.30
CA TRP A 447 32.33 1.90 15.61
C TRP A 447 32.94 1.76 14.20
N GLU A 448 33.74 0.72 13.98
CA GLU A 448 34.17 0.50 12.59
C GLU A 448 32.99 0.10 11.72
N ASN A 449 32.12 -0.72 12.26
CA ASN A 449 30.94 -1.08 11.51
C ASN A 449 30.06 0.11 11.24
N ALA A 450 29.97 1.02 12.21
CA ALA A 450 29.22 2.25 12.01
C ALA A 450 29.84 3.12 10.91
N LEU A 451 31.16 3.15 10.88
CA LEU A 451 31.86 3.88 9.88
C LEU A 451 31.59 3.33 8.44
N LEU A 452 31.58 2.02 8.33
CA LEU A 452 31.31 1.33 7.08
C LEU A 452 29.87 1.64 6.63
N GLY A 453 28.96 1.69 7.61
CA GLY A 453 27.59 2.04 7.31
C GLY A 453 27.52 3.44 6.72
N LEU A 454 28.15 4.39 7.41
CA LEU A 454 28.21 5.79 6.98
C LEU A 454 28.67 5.91 5.54
N LEU A 455 29.73 5.17 5.22
CA LEU A 455 30.32 5.29 3.89
C LEU A 455 29.41 4.67 2.84
N ALA A 456 28.80 3.53 3.14
CA ALA A 456 27.83 2.96 2.21
C ALA A 456 26.62 3.90 1.97
N LYS A 457 26.23 4.59 3.02
CA LYS A 457 25.12 5.53 2.94
C LYS A 457 25.50 6.82 2.21
N ALA A 458 26.79 7.06 2.08
CA ALA A 458 27.22 8.24 1.35
C ALA A 458 27.49 7.95 -0.09
N GLY A 459 27.29 6.69 -0.46
CA GLY A 459 27.43 6.29 -1.85
C GLY A 459 28.80 5.78 -2.25
N LEU A 460 29.67 5.52 -1.29
CA LEU A 460 30.98 4.90 -1.60
C LEU A 460 30.91 3.42 -1.91
N GLN A 461 31.80 2.96 -2.78
CA GLN A 461 31.98 1.51 -3.01
C GLN A 461 33.17 1.09 -2.19
N VAL A 462 32.86 0.43 -1.08
CA VAL A 462 33.88 0.03 -0.14
C VAL A 462 34.68 -1.16 -0.65
N VAL A 463 33.97 -2.20 -1.07
CA VAL A 463 34.61 -3.39 -1.64
C VAL A 463 33.92 -3.88 -2.91
N ALA A 464 34.62 -4.70 -3.69
CA ALA A 464 34.00 -5.29 -4.87
C ALA A 464 34.61 -6.68 -5.09
N LEU A 465 34.00 -7.54 -5.90
CA LEU A 465 34.66 -8.83 -6.09
C LEU A 465 35.55 -8.89 -7.30
N SER A 466 36.42 -9.87 -7.29
CA SER A 466 37.35 -9.97 -8.37
C SER A 466 37.14 -11.37 -8.92
N GLY A 467 36.78 -11.45 -10.18
CA GLY A 467 36.52 -12.74 -10.77
C GLY A 467 35.66 -12.61 -11.97
N ALA A 468 35.35 -13.74 -12.56
CA ALA A 468 34.50 -13.82 -13.71
C ALA A 468 33.18 -14.52 -13.49
N TYR A 469 32.09 -13.81 -13.67
CA TYR A 469 30.75 -14.35 -13.42
C TYR A 469 29.95 -14.29 -14.69
N PRO A 470 29.05 -15.27 -14.86
CA PRO A 470 28.20 -15.29 -16.07
C PRO A 470 27.38 -14.03 -16.26
N ALA A 471 26.93 -13.41 -15.18
CA ALA A 471 26.08 -12.23 -15.26
C ALA A 471 26.76 -11.00 -14.70
N GLU A 472 26.72 -9.89 -15.44
CA GLU A 472 27.37 -8.67 -15.00
C GLU A 472 26.37 -7.72 -14.36
N LEU A 473 25.15 -8.20 -14.17
CA LEU A 473 24.15 -7.50 -13.36
C LEU A 473 23.40 -8.52 -12.51
N ALA A 474 23.37 -8.32 -11.20
CA ALA A 474 22.59 -9.24 -10.35
C ALA A 474 21.53 -8.47 -9.61
N VAL A 475 20.30 -8.95 -9.65
CA VAL A 475 19.22 -8.23 -9.02
C VAL A 475 18.40 -9.11 -8.09
N GLY A 476 18.16 -8.59 -6.88
CA GLY A 476 17.36 -9.27 -5.88
C GLY A 476 16.00 -8.58 -5.69
N PHE A 477 14.98 -9.41 -5.46
CA PHE A 477 13.60 -8.97 -5.29
C PHE A 477 13.10 -9.50 -3.97
N ASP A 478 12.41 -8.65 -3.19
CA ASP A 478 11.80 -9.09 -1.94
C ASP A 478 10.54 -8.28 -1.69
N ALA A 479 9.73 -8.77 -0.74
CA ALA A 479 8.58 -8.04 -0.28
C ALA A 479 8.67 -7.88 1.25
N GLY A 480 8.27 -6.71 1.74
CA GLY A 480 8.37 -6.38 3.14
C GLY A 480 7.23 -5.59 3.70
N GLY A 481 7.23 -5.42 5.02
CA GLY A 481 6.14 -4.75 5.71
C GLY A 481 5.41 -5.85 6.45
N ARG A 482 4.70 -5.48 7.51
CA ARG A 482 4.09 -6.53 8.33
C ARG A 482 2.64 -6.20 8.50
N GLU A 483 2.23 -5.17 7.79
CA GLU A 483 0.84 -4.80 7.77
C GLU A 483 0.03 -5.53 6.73
N SER A 484 -1.17 -5.01 6.50
CA SER A 484 -2.11 -5.60 5.57
C SER A 484 -1.65 -5.44 4.12
N PHE A 485 -0.54 -4.72 3.92
CA PHE A 485 -0.04 -4.51 2.55
C PHE A 485 1.44 -4.67 2.64
N ARG A 486 2.08 -4.84 1.49
CA ARG A 486 3.52 -4.96 1.51
C ARG A 486 4.14 -3.99 0.51
N PHE A 487 5.47 -4.00 0.50
CA PHE A 487 6.28 -3.26 -0.46
C PHE A 487 7.16 -4.27 -1.21
N GLY A 488 7.04 -4.28 -2.53
CA GLY A 488 7.85 -5.12 -3.37
C GLY A 488 8.97 -4.23 -3.85
N GLY A 489 10.23 -4.67 -3.63
CA GLY A 489 11.41 -3.89 -3.96
C GLY A 489 12.55 -4.72 -4.56
N ALA A 490 13.53 -4.01 -5.09
CA ALA A 490 14.67 -4.61 -5.75
C ALA A 490 15.93 -3.87 -5.40
N ALA A 491 17.03 -4.60 -5.32
CA ALA A 491 18.34 -4.00 -5.12
C ALA A 491 19.26 -4.69 -6.10
N CYS A 492 20.30 -3.98 -6.54
CA CYS A 492 21.15 -4.57 -7.55
C CYS A 492 22.63 -4.35 -7.29
N ALA A 493 23.40 -5.23 -7.92
CA ALA A 493 24.85 -5.15 -8.00
C ALA A 493 25.20 -5.00 -9.47
N VAL A 494 25.80 -3.86 -9.81
CA VAL A 494 26.12 -3.61 -11.19
C VAL A 494 27.57 -3.77 -11.48
N GLY A 495 27.84 -4.27 -12.70
CA GLY A 495 29.19 -4.56 -13.13
C GLY A 495 29.52 -5.99 -12.73
N GLY A 496 30.41 -6.66 -13.44
CA GLY A 496 30.82 -8.02 -13.10
C GLY A 496 31.51 -8.14 -11.73
N ASP A 497 31.90 -7.03 -11.13
CA ASP A 497 32.68 -7.02 -9.88
C ASP A 497 31.76 -6.62 -8.76
N GLY A 498 30.51 -6.36 -9.13
CA GLY A 498 29.59 -5.75 -8.20
C GLY A 498 30.04 -4.34 -7.86
N GLY A 499 30.68 -3.69 -8.83
CA GLY A 499 31.29 -2.42 -8.59
C GLY A 499 30.29 -1.33 -8.19
N HIS A 500 28.97 -1.60 -8.29
CA HIS A 500 28.02 -0.63 -7.80
C HIS A 500 26.84 -1.28 -7.11
N LEU A 501 26.40 -0.76 -5.97
CA LEU A 501 25.24 -1.32 -5.29
C LEU A 501 24.19 -0.23 -5.26
N LEU A 502 23.00 -0.59 -5.75
CA LEU A 502 21.90 0.37 -5.93
C LEU A 502 20.59 -0.16 -5.40
N TRP A 503 19.72 0.74 -4.98
CA TRP A 503 18.33 0.38 -4.67
C TRP A 503 17.34 1.07 -5.63
N THR A 504 16.14 0.53 -5.77
CA THR A 504 15.07 1.22 -6.49
C THR A 504 13.87 1.43 -5.59
N LEU A 505 13.15 2.51 -5.84
CA LEU A 505 11.91 2.82 -5.16
C LEU A 505 10.93 1.65 -5.19
N PRO A 506 10.54 1.20 -3.99
CA PRO A 506 9.60 0.09 -3.92
C PRO A 506 8.19 0.50 -4.33
N GLU A 507 7.32 -0.49 -4.39
CA GLU A 507 5.92 -0.31 -4.72
C GLU A 507 4.97 -0.97 -3.70
N ALA A 508 3.86 -0.32 -3.41
CA ALA A 508 2.88 -0.92 -2.52
C ALA A 508 2.11 -2.03 -3.26
N GLN A 509 1.90 -3.16 -2.59
CA GLN A 509 1.18 -4.28 -3.21
C GLN A 509 0.32 -4.96 -2.15
N ALA A 510 -0.70 -5.75 -2.56
CA ALA A 510 -1.63 -6.39 -1.59
C ALA A 510 -0.98 -7.44 -0.71
N GLY A 511 -0.15 -8.28 -1.32
CA GLY A 511 0.46 -9.34 -0.55
C GLY A 511 1.90 -9.71 -0.91
N GLU A 512 2.18 -11.00 -0.96
CA GLU A 512 3.55 -11.38 -1.18
C GLU A 512 3.83 -11.31 -2.69
N ARG A 513 2.83 -11.61 -3.50
CA ARG A 513 3.05 -11.55 -4.94
C ARG A 513 3.36 -10.15 -5.46
N ILE A 514 4.48 -10.02 -6.17
CA ILE A 514 4.83 -8.78 -6.83
C ILE A 514 4.19 -8.82 -8.22
N PRO A 515 3.40 -7.81 -8.55
CA PRO A 515 2.73 -7.75 -9.87
C PRO A 515 3.73 -7.83 -11.05
N GLN A 516 3.33 -8.47 -12.16
CA GLN A 516 4.25 -8.70 -13.29
C GLN A 516 4.88 -7.38 -13.80
N GLU A 517 4.05 -6.37 -13.95
CA GLU A 517 4.51 -5.07 -14.42
C GLU A 517 5.44 -4.39 -13.42
N VAL A 518 5.23 -4.62 -12.15
CA VAL A 518 6.11 -4.05 -11.15
C VAL A 518 7.50 -4.70 -11.25
N VAL A 519 7.50 -6.03 -11.41
CA VAL A 519 8.74 -6.75 -11.50
C VAL A 519 9.51 -6.21 -12.69
N TRP A 520 8.81 -6.09 -13.80
CA TRP A 520 9.49 -5.58 -14.95
C TRP A 520 9.99 -4.15 -14.78
N ASP A 521 9.19 -3.27 -14.18
CA ASP A 521 9.63 -1.86 -14.00
C ASP A 521 10.87 -1.69 -13.09
N LEU A 522 10.89 -2.44 -12.01
CA LEU A 522 12.01 -2.42 -11.10
C LEU A 522 13.26 -2.91 -11.84
N LEU A 523 13.07 -4.03 -12.52
CA LEU A 523 14.14 -4.59 -13.32
C LEU A 523 14.64 -3.54 -14.33
N GLU A 524 13.73 -2.86 -15.01
CA GLU A 524 14.13 -1.89 -16.02
C GLU A 524 14.96 -0.81 -15.37
N GLU A 525 14.60 -0.37 -14.17
CA GLU A 525 15.47 0.59 -13.49
C GLU A 525 16.86 0.09 -13.21
N THR A 526 17.02 -1.17 -12.81
CA THR A 526 18.40 -1.64 -12.58
C THR A 526 19.18 -1.78 -13.92
N LEU A 527 18.49 -2.19 -14.99
CA LEU A 527 19.09 -2.21 -16.35
C LEU A 527 19.55 -0.85 -16.73
N TRP A 528 18.73 0.12 -16.38
CA TRP A 528 19.00 1.48 -16.74
C TRP A 528 20.20 2.01 -15.94
N ALA A 529 20.30 1.57 -14.68
CA ALA A 529 21.46 1.86 -13.85
C ALA A 529 22.71 1.33 -14.51
N PHE A 530 22.65 0.07 -14.94
CA PHE A 530 23.77 -0.50 -15.67
C PHE A 530 24.08 0.24 -16.94
N ARG A 531 23.06 0.67 -17.65
CA ARG A 531 23.25 1.38 -18.90
C ARG A 531 23.96 2.74 -18.56
N ARG A 532 23.53 3.45 -17.51
CA ARG A 532 24.12 4.74 -17.17
C ARG A 532 25.56 4.60 -16.66
N LYS A 533 25.82 3.50 -15.97
CA LYS A 533 27.15 3.27 -15.40
C LYS A 533 28.15 2.84 -16.47
N ALA A 534 27.74 1.84 -17.25
CA ALA A 534 28.60 1.13 -18.21
C ALA A 534 28.51 1.56 -19.66
N GLY A 535 27.47 2.29 -20.04
CA GLY A 535 27.28 2.74 -21.41
C GLY A 535 26.88 1.67 -22.38
N ARG A 536 26.26 0.63 -21.87
CA ARG A 536 25.79 -0.45 -22.73
C ARG A 536 24.81 -1.31 -21.93
N LEU A 537 24.15 -2.23 -22.61
CA LEU A 537 23.29 -3.18 -21.89
C LEU A 537 24.06 -4.40 -21.44
N PRO A 538 23.64 -5.00 -20.30
CA PRO A 538 24.32 -6.20 -19.84
C PRO A 538 23.96 -7.39 -20.73
N SER A 539 24.94 -8.23 -20.94
CA SER A 539 24.78 -9.42 -21.71
C SER A 539 23.88 -10.50 -21.10
N ARG A 540 23.90 -10.56 -19.78
CA ARG A 540 23.14 -11.58 -19.04
C ARG A 540 22.88 -11.05 -17.61
N VAL A 541 21.68 -11.26 -17.07
CA VAL A 541 21.38 -10.85 -15.71
C VAL A 541 21.08 -12.04 -14.81
N LEU A 542 21.40 -11.88 -13.53
CA LEU A 542 21.07 -12.89 -12.53
C LEU A 542 19.94 -12.29 -11.70
N LEU A 543 18.80 -12.95 -11.77
CA LEU A 543 17.58 -12.48 -11.14
C LEU A 543 17.37 -13.31 -9.88
N LEU A 544 17.39 -12.71 -8.71
CA LEU A 544 17.23 -13.48 -7.47
C LEU A 544 15.94 -13.17 -6.70
N ARG A 545 15.16 -14.19 -6.38
CA ARG A 545 13.94 -13.95 -5.66
C ARG A 545 14.07 -14.50 -4.29
N ASN A 546 13.67 -13.73 -3.30
CA ASN A 546 13.72 -14.15 -1.93
C ASN A 546 12.47 -14.91 -1.62
N GLY A 547 12.63 -16.17 -1.26
CA GLY A 547 11.51 -17.04 -0.97
C GLY A 547 11.10 -17.65 -2.29
N ARG A 548 9.89 -18.20 -2.37
CA ARG A 548 9.42 -18.79 -3.61
C ARG A 548 9.02 -17.79 -4.66
N VAL A 549 9.11 -18.18 -5.93
CA VAL A 549 8.60 -17.35 -7.01
C VAL A 549 7.14 -17.74 -7.32
N PRO A 550 6.20 -16.84 -7.04
CA PRO A 550 4.81 -17.20 -7.41
C PRO A 550 4.65 -17.41 -8.89
N GLN A 551 3.74 -18.32 -9.28
CA GLN A 551 3.47 -18.73 -10.67
C GLN A 551 3.44 -17.53 -11.62
N ASP A 552 4.31 -17.51 -12.63
CA ASP A 552 4.33 -16.46 -13.68
C ASP A 552 4.56 -15.04 -13.18
N GLU A 553 5.10 -14.89 -11.96
CA GLU A 553 5.42 -13.56 -11.42
C GLU A 553 6.42 -12.79 -12.28
N PHE A 554 7.32 -13.51 -12.93
CA PHE A 554 8.41 -12.94 -13.71
C PHE A 554 8.12 -13.06 -15.20
N ALA A 555 6.97 -13.63 -15.57
CA ALA A 555 6.70 -13.89 -16.98
C ALA A 555 6.90 -12.70 -17.93
N LEU A 556 6.35 -11.56 -17.57
CA LEU A 556 6.45 -10.36 -18.40
C LEU A 556 7.87 -9.81 -18.49
N ALA A 557 8.56 -9.78 -17.35
CA ALA A 557 9.93 -9.33 -17.28
C ALA A 557 10.82 -10.25 -18.12
N LEU A 558 10.58 -11.55 -17.99
CA LEU A 558 11.34 -12.57 -18.68
C LEU A 558 11.17 -12.33 -20.21
N GLU A 559 9.92 -12.11 -20.63
CA GLU A 559 9.68 -11.82 -22.04
C GLU A 559 10.37 -10.51 -22.50
N ALA A 560 10.26 -9.46 -21.70
CA ALA A 560 10.93 -8.19 -22.01
C ALA A 560 12.42 -8.30 -22.22
N LEU A 561 13.08 -9.05 -21.33
CA LEU A 561 14.51 -9.30 -21.48
C LEU A 561 14.79 -10.04 -22.77
N ALA A 562 13.97 -11.05 -23.07
CA ALA A 562 14.22 -11.75 -24.31
C ALA A 562 14.06 -10.85 -25.54
N ARG A 563 13.13 -9.89 -25.46
CA ARG A 563 12.90 -8.99 -26.57
C ARG A 563 14.02 -7.95 -26.66
N GLU A 564 14.73 -7.70 -25.56
CA GLU A 564 15.86 -6.79 -25.60
C GLU A 564 17.16 -7.48 -25.89
N GLY A 565 17.14 -8.80 -26.01
CA GLY A 565 18.36 -9.57 -26.27
C GLY A 565 19.27 -9.75 -25.08
N ILE A 566 18.68 -9.64 -23.92
CA ILE A 566 19.42 -9.83 -22.70
C ILE A 566 19.20 -11.26 -22.19
N ALA A 567 20.29 -11.97 -21.92
CA ALA A 567 20.11 -13.32 -21.41
C ALA A 567 19.85 -13.28 -19.91
N TYR A 568 19.25 -14.34 -19.35
CA TYR A 568 18.86 -14.23 -17.95
C TYR A 568 18.92 -15.58 -17.24
N ASP A 569 18.98 -15.53 -15.91
CA ASP A 569 18.67 -16.64 -15.02
C ASP A 569 17.77 -16.27 -13.84
N LEU A 570 16.75 -17.06 -13.55
CA LEU A 570 15.87 -16.86 -12.40
C LEU A 570 16.15 -17.83 -11.28
N VAL A 571 16.49 -17.33 -10.12
CA VAL A 571 16.80 -18.25 -9.06
C VAL A 571 15.97 -17.94 -7.81
N SER A 572 15.17 -18.89 -7.37
CA SER A 572 14.46 -18.82 -6.11
C SER A 572 15.39 -19.13 -4.93
N VAL A 573 15.53 -18.21 -3.98
CA VAL A 573 16.39 -18.44 -2.81
C VAL A 573 15.61 -18.58 -1.49
N ARG A 574 15.46 -19.79 -0.97
CA ARG A 574 14.68 -20.05 0.24
C ARG A 574 15.54 -20.22 1.49
N LYS A 575 15.31 -19.39 2.49
CA LYS A 575 16.14 -19.40 3.70
C LYS A 575 15.80 -20.60 4.58
N SER A 576 14.65 -21.17 4.37
CA SER A 576 14.31 -22.40 5.09
C SER A 576 13.75 -23.45 4.14
N GLY A 577 13.94 -24.72 4.50
CA GLY A 577 13.48 -25.82 3.70
C GLY A 577 14.61 -26.62 3.14
N GLY A 578 15.83 -26.14 3.35
CA GLY A 578 17.03 -26.72 2.78
C GLY A 578 17.56 -27.82 3.67
N GLY A 579 17.09 -27.83 4.90
CA GLY A 579 17.46 -28.88 5.83
C GLY A 579 18.85 -28.66 6.38
N ARG A 580 19.58 -29.74 6.59
CA ARG A 580 20.88 -29.54 7.18
C ARG A 580 22.00 -30.36 6.48
N VAL A 581 23.23 -29.86 6.49
CA VAL A 581 24.37 -30.59 5.86
C VAL A 581 25.60 -30.80 6.78
N TYR A 582 26.02 -32.04 6.92
CA TYR A 582 27.15 -32.37 7.77
C TYR A 582 28.22 -33.09 6.96
N PRO A 583 29.49 -32.79 7.23
CA PRO A 583 30.54 -33.49 6.49
C PRO A 583 30.63 -34.94 6.92
N VAL A 584 30.92 -35.83 5.96
CA VAL A 584 31.15 -37.23 6.26
C VAL A 584 32.43 -37.34 7.07
N GLN A 585 33.43 -36.53 6.70
CA GLN A 585 34.69 -36.48 7.45
C GLN A 585 35.19 -35.04 7.57
N GLY A 586 35.89 -34.79 8.67
CA GLY A 586 36.58 -33.54 8.96
C GLY A 586 35.74 -32.38 9.45
N ARG A 587 36.23 -31.15 9.28
CA ARG A 587 35.55 -29.99 9.86
C ARG A 587 34.55 -29.49 8.85
N LEU A 588 33.49 -28.83 9.29
CA LEU A 588 32.58 -28.20 8.35
C LEU A 588 32.93 -26.81 7.82
N ALA A 589 33.12 -26.68 6.51
CA ALA A 589 33.45 -25.34 6.01
C ALA A 589 32.32 -24.84 5.09
N ASP A 590 32.26 -23.55 4.93
CA ASP A 590 31.28 -22.86 4.10
C ASP A 590 31.72 -22.96 2.64
N GLY A 591 30.77 -22.63 1.77
CA GLY A 591 30.86 -22.56 0.32
C GLY A 591 30.79 -23.93 -0.27
N LEU A 592 29.79 -24.59 0.30
CA LEU A 592 29.42 -25.93 -0.10
C LEU A 592 28.24 -25.87 -1.06
N TYR A 593 28.36 -26.49 -2.21
CA TYR A 593 27.29 -26.61 -3.19
C TYR A 593 26.77 -28.06 -3.28
N VAL A 594 25.51 -28.29 -2.99
CA VAL A 594 25.05 -29.68 -3.02
C VAL A 594 23.89 -29.86 -3.98
N PRO A 595 24.14 -30.35 -5.21
CA PRO A 595 22.98 -30.49 -6.10
C PRO A 595 22.15 -31.64 -5.57
N LEU A 596 20.84 -31.52 -5.70
CA LEU A 596 19.92 -32.55 -5.30
C LEU A 596 19.29 -32.95 -6.61
N GLU A 597 17.97 -32.84 -6.73
CA GLU A 597 17.30 -33.17 -7.96
C GLU A 597 17.82 -32.25 -9.05
N ASP A 598 17.16 -32.25 -10.20
CA ASP A 598 17.55 -31.41 -11.29
C ASP A 598 16.99 -30.03 -11.12
N LYS A 599 17.88 -29.06 -11.06
CA LYS A 599 17.48 -27.67 -10.90
C LYS A 599 17.27 -27.22 -9.45
N THR A 600 17.40 -28.13 -8.49
CA THR A 600 17.27 -27.69 -7.12
C THR A 600 18.64 -27.94 -6.46
N PHE A 601 19.06 -27.14 -5.48
CA PHE A 601 20.35 -27.42 -4.81
C PHE A 601 20.49 -26.71 -3.47
N LEU A 602 21.37 -27.22 -2.62
CA LEU A 602 21.62 -26.52 -1.36
C LEU A 602 22.87 -25.73 -1.51
N LEU A 603 23.00 -24.65 -0.76
CA LEU A 603 24.20 -23.86 -0.82
C LEU A 603 24.51 -23.37 0.59
N LEU A 604 25.57 -23.92 1.17
CA LEU A 604 26.08 -23.43 2.45
C LEU A 604 27.02 -22.26 2.15
N THR A 605 26.59 -21.06 2.50
CA THR A 605 27.31 -19.86 2.15
C THR A 605 28.18 -19.25 3.24
N VAL A 606 27.66 -19.35 4.44
CA VAL A 606 28.24 -18.86 5.69
C VAL A 606 28.25 -19.89 6.83
N HIS A 607 29.35 -19.92 7.55
CA HIS A 607 29.44 -20.70 8.78
C HIS A 607 30.54 -20.24 9.70
N ARG A 608 30.19 -20.29 10.99
CA ARG A 608 31.20 -20.11 12.00
C ARG A 608 30.85 -21.14 13.06
N ASP A 609 31.86 -21.62 13.76
CA ASP A 609 31.67 -22.54 14.87
C ASP A 609 30.89 -22.08 16.03
N PHE A 610 31.21 -20.88 16.44
CA PHE A 610 30.51 -20.36 17.56
C PHE A 610 29.14 -19.78 17.34
N ARG A 611 28.60 -19.86 16.14
CA ARG A 611 27.19 -19.49 15.94
C ARG A 611 26.15 -20.52 16.02
N GLY A 612 26.55 -21.77 15.83
CA GLY A 612 25.62 -22.85 16.04
C GLY A 612 25.75 -23.57 14.71
N THR A 613 24.94 -24.58 14.50
CA THR A 613 24.92 -25.32 13.26
C THR A 613 24.36 -24.49 12.10
N PRO A 614 25.08 -24.42 10.95
CA PRO A 614 24.61 -23.69 9.76
C PRO A 614 23.32 -24.25 9.16
N ARG A 615 22.64 -23.42 8.39
CA ARG A 615 21.38 -23.70 7.68
C ARG A 615 21.54 -23.41 6.19
N PRO A 616 21.91 -24.43 5.39
CA PRO A 616 22.09 -24.21 3.96
C PRO A 616 20.85 -23.52 3.33
N LEU A 617 21.10 -22.64 2.36
CA LEU A 617 20.03 -22.04 1.57
C LEU A 617 19.55 -23.14 0.66
N LYS A 618 18.29 -23.08 0.30
CA LYS A 618 17.78 -23.97 -0.73
C LYS A 618 17.40 -23.19 -1.97
N LEU A 619 17.97 -23.56 -3.12
CA LEU A 619 17.83 -22.77 -4.34
C LEU A 619 17.19 -23.52 -5.49
N VAL A 620 16.28 -22.85 -6.20
CA VAL A 620 15.66 -23.48 -7.35
C VAL A 620 15.87 -22.67 -8.61
N HIS A 621 16.44 -23.33 -9.62
CA HIS A 621 16.71 -22.67 -10.87
C HIS A 621 15.44 -22.68 -11.74
N GLU A 622 14.73 -21.58 -11.68
CA GLU A 622 13.43 -21.41 -12.28
C GLU A 622 13.41 -21.15 -13.77
N ALA A 623 14.37 -20.39 -14.28
CA ALA A 623 14.44 -20.12 -15.69
C ALA A 623 15.88 -19.78 -16.05
N GLY A 624 16.29 -20.11 -17.28
CA GLY A 624 17.64 -19.85 -17.74
C GLY A 624 18.41 -21.13 -17.96
N ASP A 625 19.53 -21.07 -18.66
CA ASP A 625 20.25 -22.29 -18.99
C ASP A 625 21.69 -22.24 -18.48
N THR A 626 21.99 -21.31 -17.57
CA THR A 626 23.33 -21.33 -16.97
C THR A 626 23.44 -22.61 -16.16
N PRO A 627 24.59 -23.30 -16.27
CA PRO A 627 24.78 -24.50 -15.46
C PRO A 627 24.63 -24.20 -13.95
N LEU A 628 24.01 -25.12 -13.19
CA LEU A 628 23.83 -24.88 -11.77
C LEU A 628 25.07 -24.52 -11.00
N GLU A 629 26.19 -25.15 -11.33
CA GLU A 629 27.40 -24.90 -10.56
C GLU A 629 27.81 -23.45 -10.77
N ALA A 630 27.66 -22.91 -11.99
CA ALA A 630 28.03 -21.51 -12.20
C ALA A 630 27.14 -20.51 -11.43
N LEU A 631 25.84 -20.81 -11.35
CA LEU A 631 24.88 -20.03 -10.56
C LEU A 631 25.34 -20.03 -9.12
N ALA A 632 25.62 -21.24 -8.61
CA ALA A 632 26.06 -21.43 -7.23
C ALA A 632 27.33 -20.59 -6.98
N HIS A 633 28.28 -20.67 -7.90
CA HIS A 633 29.49 -19.85 -7.81
C HIS A 633 29.25 -18.35 -7.66
N GLN A 634 28.52 -17.79 -8.61
CA GLN A 634 28.24 -16.36 -8.52
C GLN A 634 27.45 -16.01 -7.24
N ILE A 635 26.44 -16.80 -6.90
CA ILE A 635 25.67 -16.52 -5.69
C ILE A 635 26.49 -16.60 -4.38
N PHE A 636 27.23 -17.67 -4.27
CA PHE A 636 28.13 -17.81 -3.14
C PHE A 636 29.07 -16.60 -3.04
N HIS A 637 29.70 -16.25 -4.15
CA HIS A 637 30.60 -15.10 -4.16
C HIS A 637 29.81 -13.82 -3.75
N LEU A 638 28.59 -13.64 -4.29
CA LEU A 638 27.81 -12.45 -3.97
C LEU A 638 27.53 -12.29 -2.47
N THR A 639 27.57 -13.37 -1.70
CA THR A 639 27.45 -13.14 -0.27
C THR A 639 28.58 -12.26 0.32
N ARG A 640 29.71 -12.09 -0.36
CA ARG A 640 30.78 -11.33 0.27
C ARG A 640 30.83 -9.84 -0.09
N LEU A 641 29.90 -9.41 -0.95
CA LEU A 641 29.92 -8.04 -1.44
C LEU A 641 29.36 -6.99 -0.48
N TYR A 642 28.64 -7.45 0.53
CA TYR A 642 27.96 -6.54 1.42
C TYR A 642 28.92 -5.67 2.19
N PRO A 643 28.82 -4.34 2.04
CA PRO A 643 29.81 -3.37 2.57
C PRO A 643 29.61 -3.00 4.04
N ALA A 644 28.42 -3.18 4.62
CA ALA A 644 28.14 -2.61 5.93
C ALA A 644 28.42 -3.60 7.07
N SER A 645 28.73 -4.85 6.72
CA SER A 645 29.16 -5.80 7.74
C SER A 645 30.65 -6.10 7.67
N GLY A 646 31.41 -5.53 8.59
CA GLY A 646 32.86 -5.59 8.56
C GLY A 646 33.52 -6.93 8.83
N PHE A 647 32.87 -7.76 9.64
CA PHE A 647 33.53 -8.94 10.19
C PHE A 647 32.77 -10.23 9.98
N ALA A 648 31.59 -10.14 9.39
CA ALA A 648 30.82 -11.34 9.14
C ALA A 648 29.95 -11.19 7.90
N PHE A 649 30.14 -12.10 6.96
CA PHE A 649 29.35 -12.09 5.74
C PHE A 649 27.92 -12.54 5.95
N PRO A 650 27.00 -11.91 5.20
CA PRO A 650 25.61 -12.32 5.35
C PRO A 650 25.37 -13.63 4.63
N ARG A 651 24.35 -14.36 5.07
CA ARG A 651 23.97 -15.65 4.49
C ARG A 651 23.47 -15.47 3.08
N LEU A 652 22.67 -14.44 2.87
CA LEU A 652 22.11 -14.16 1.55
C LEU A 652 23.10 -13.40 0.66
N PRO A 653 23.07 -13.63 -0.66
CA PRO A 653 23.92 -12.83 -1.53
C PRO A 653 23.54 -11.34 -1.43
N ALA A 654 24.47 -10.43 -1.65
CA ALA A 654 24.26 -9.01 -1.39
C ALA A 654 23.00 -8.44 -2.01
N PRO A 655 22.69 -8.77 -3.29
CA PRO A 655 21.46 -8.14 -3.79
C PRO A 655 20.21 -8.51 -3.01
N LEU A 656 20.10 -9.75 -2.55
CA LEU A 656 18.94 -10.13 -1.75
C LEU A 656 19.01 -9.58 -0.32
N HIS A 657 20.19 -9.56 0.28
CA HIS A 657 20.35 -8.97 1.62
C HIS A 657 20.02 -7.50 1.67
N LEU A 658 20.48 -6.77 0.66
CA LEU A 658 20.18 -5.35 0.51
C LEU A 658 18.70 -5.19 0.25
N ALA A 659 18.15 -5.99 -0.65
CA ALA A 659 16.75 -5.85 -0.96
C ALA A 659 15.84 -6.14 0.27
N ASP A 660 16.16 -7.19 1.02
CA ASP A 660 15.43 -7.55 2.22
C ASP A 660 15.50 -6.30 3.15
N ARG A 661 16.70 -5.74 3.36
CA ARG A 661 16.80 -4.57 4.24
C ARG A 661 16.07 -3.31 3.71
N LEU A 662 16.06 -3.14 2.39
CA LEU A 662 15.39 -2.02 1.70
C LEU A 662 13.88 -2.09 2.02
N VAL A 663 13.23 -3.21 1.69
CA VAL A 663 11.78 -3.30 1.96
C VAL A 663 11.50 -3.23 3.48
N LYS A 664 12.41 -3.70 4.32
CA LYS A 664 12.18 -3.55 5.75
C LYS A 664 12.15 -2.09 6.20
N GLU A 665 13.14 -1.30 5.76
CA GLU A 665 13.21 0.10 6.15
C GLU A 665 12.08 0.92 5.60
N VAL A 666 11.68 0.64 4.37
CA VAL A 666 10.56 1.35 3.77
C VAL A 666 9.29 0.96 4.52
N GLY A 667 9.17 -0.32 4.89
CA GLY A 667 8.02 -0.73 5.69
C GLY A 667 7.99 -0.01 7.05
N ARG A 668 9.14 0.40 7.55
CA ARG A 668 9.25 1.12 8.82
C ARG A 668 8.99 2.62 8.75
N LEU A 669 9.59 3.30 7.79
CA LEU A 669 9.57 4.76 7.71
C LEU A 669 8.42 5.19 6.84
N GLY A 670 8.29 4.56 5.70
CA GLY A 670 7.27 4.97 4.77
C GLY A 670 8.04 5.23 3.53
N ILE A 671 7.36 5.32 2.40
CA ILE A 671 8.01 5.48 1.13
C ILE A 671 8.04 6.97 0.80
N ARG A 672 7.32 7.76 1.62
CA ARG A 672 7.12 9.18 1.30
C ARG A 672 8.36 10.03 1.49
N HIS A 673 9.41 9.47 2.11
CA HIS A 673 10.58 10.26 2.45
C HIS A 673 11.73 10.14 1.41
N LEU A 674 11.57 9.26 0.43
CA LEU A 674 12.73 8.84 -0.39
C LEU A 674 12.94 9.60 -1.69
N LYS A 675 12.08 10.57 -1.97
CA LYS A 675 12.10 11.18 -3.29
C LYS A 675 13.42 11.87 -3.64
N GLU A 676 14.11 12.42 -2.66
CA GLU A 676 15.36 13.15 -2.93
C GLU A 676 16.58 12.38 -2.49
N VAL A 677 16.44 11.07 -2.27
CA VAL A 677 17.55 10.24 -1.80
C VAL A 677 18.20 9.47 -2.97
N ASP A 678 19.50 9.68 -3.22
CA ASP A 678 20.19 9.02 -4.36
C ASP A 678 20.15 7.52 -4.27
N ARG A 679 19.89 6.87 -5.40
CA ARG A 679 19.75 5.42 -5.42
C ARG A 679 21.07 4.62 -5.21
N GLU A 680 22.20 5.33 -5.17
CA GLU A 680 23.51 4.76 -4.83
C GLU A 680 23.80 4.78 -3.34
N LYS A 681 23.03 5.56 -2.60
CA LYS A 681 23.21 5.71 -1.16
C LYS A 681 22.41 4.69 -0.47
N LEU A 682 23.10 3.73 0.18
CA LEU A 682 22.43 2.61 0.85
C LEU A 682 21.91 3.00 2.24
N PHE A 683 20.82 3.78 2.26
CA PHE A 683 20.31 4.36 3.51
C PHE A 683 19.78 3.33 4.53
N PHE A 684 19.51 2.11 4.08
CA PHE A 684 18.88 1.12 4.93
C PHE A 684 19.79 0.14 5.70
N VAL A 685 21.09 0.21 5.47
CA VAL A 685 22.01 -0.73 6.10
C VAL A 685 22.18 -0.38 7.60
N LEU B 4 -22.54 40.00 -2.62
CA LEU B 4 -22.87 40.00 -1.19
C LEU B 4 -24.40 40.00 -0.94
N GLY B 5 -24.82 39.61 0.28
CA GLY B 5 -26.21 39.76 0.68
C GLY B 5 -26.95 38.56 1.27
N LYS B 6 -27.83 38.87 2.21
CA LYS B 6 -28.66 37.89 2.84
C LYS B 6 -29.73 37.49 1.85
N THR B 7 -30.15 36.25 1.96
CA THR B 7 -31.20 35.68 1.13
C THR B 7 -31.76 34.43 1.78
N GLU B 8 -32.76 33.83 1.17
CA GLU B 8 -33.37 32.66 1.76
C GLU B 8 -33.44 31.51 0.81
N VAL B 9 -33.24 30.31 1.32
CA VAL B 9 -33.39 29.15 0.46
C VAL B 9 -34.29 28.11 1.17
N PHE B 10 -34.82 27.21 0.37
CA PHE B 10 -35.50 26.00 0.86
C PHE B 10 -34.46 24.90 0.82
N LEU B 11 -34.51 24.03 1.82
CA LEU B 11 -33.75 22.80 1.76
C LEU B 11 -34.76 21.72 1.36
N ASN B 12 -34.28 20.62 0.82
CA ASN B 12 -35.17 19.50 0.50
C ASN B 12 -35.55 18.69 1.72
N ARG B 13 -35.84 19.43 2.78
CA ARG B 13 -36.37 18.88 4.01
C ARG B 13 -37.70 19.51 4.37
N PHE B 14 -38.57 18.75 5.03
CA PHE B 14 -39.92 19.20 5.34
C PHE B 14 -40.32 18.89 6.77
N ALA B 15 -40.68 19.92 7.54
CA ALA B 15 -41.16 19.66 8.89
C ALA B 15 -42.53 18.99 8.84
N LEU B 16 -42.67 17.91 9.60
CA LEU B 16 -43.92 17.22 9.81
C LEU B 16 -44.31 17.36 11.28
N ARG B 17 -45.23 16.51 11.74
CA ARG B 17 -45.85 16.65 13.05
C ARG B 17 -44.88 16.47 14.20
N PRO B 18 -45.16 17.11 15.34
CA PRO B 18 -44.42 16.88 16.59
C PRO B 18 -44.52 15.43 17.01
N LEU B 19 -43.47 14.86 17.60
CA LEU B 19 -43.56 13.52 18.18
C LEU B 19 -44.63 13.59 19.28
N ASN B 20 -45.49 12.59 19.34
CA ASN B 20 -46.51 12.61 20.35
C ASN B 20 -45.92 12.10 21.71
N PRO B 21 -46.65 12.27 22.85
CA PRO B 21 -46.10 11.96 24.17
C PRO B 21 -45.57 10.57 24.36
N GLU B 22 -46.18 9.69 23.68
CA GLU B 22 -45.97 8.28 23.57
C GLU B 22 -44.61 7.98 22.96
N GLU B 23 -44.42 8.58 21.78
CA GLU B 23 -43.18 8.42 21.08
C GLU B 23 -41.94 8.97 21.85
N LEU B 24 -42.19 10.03 22.60
CA LEU B 24 -41.11 10.60 23.42
C LEU B 24 -40.65 9.68 24.60
N ARG B 25 -41.46 8.66 24.87
CA ARG B 25 -41.12 7.70 25.90
C ARG B 25 -41.23 6.31 25.29
N PRO B 26 -40.28 5.99 24.45
CA PRO B 26 -40.30 4.68 23.83
C PRO B 26 -40.09 3.55 24.86
N TRP B 27 -40.59 2.37 24.53
CA TRP B 27 -40.41 1.14 25.30
C TRP B 27 -38.98 0.63 25.27
N ARG B 28 -38.46 0.30 26.45
CA ARG B 28 -37.12 -0.15 26.59
C ARG B 28 -37.14 -1.66 26.74
N LEU B 29 -36.32 -2.38 25.99
CA LEU B 29 -36.35 -3.82 26.11
C LEU B 29 -34.93 -4.32 26.24
N GLU B 30 -34.65 -5.19 27.21
CA GLU B 30 -33.36 -5.90 27.24
C GLU B 30 -33.31 -7.13 26.47
N VAL B 31 -32.19 -7.30 25.78
CA VAL B 31 -31.98 -8.49 24.98
C VAL B 31 -31.09 -9.61 25.60
N VAL B 32 -31.62 -10.83 25.73
CA VAL B 32 -30.80 -11.96 26.12
C VAL B 32 -30.60 -12.90 24.92
N LEU B 33 -29.32 -13.17 24.65
CA LEU B 33 -28.87 -14.03 23.55
C LEU B 33 -28.18 -15.30 24.02
N ASP B 34 -28.53 -16.46 23.44
CA ASP B 34 -27.86 -17.72 23.78
C ASP B 34 -27.38 -18.45 22.50
N PRO B 35 -26.07 -18.60 22.30
CA PRO B 35 -25.01 -18.16 23.21
C PRO B 35 -24.66 -16.67 23.16
N PRO B 36 -23.99 -16.15 24.22
CA PRO B 36 -23.46 -14.78 24.24
C PRO B 36 -22.32 -14.53 23.22
N PRO B 37 -22.46 -13.51 22.36
CA PRO B 37 -21.53 -13.15 21.27
C PRO B 37 -20.19 -12.60 21.80
N GLY B 38 -19.11 -12.59 21.02
CA GLY B 38 -17.92 -11.94 21.56
C GLY B 38 -18.08 -10.43 21.59
N ARG B 39 -17.12 -9.76 22.21
CA ARG B 39 -17.19 -8.31 22.36
C ARG B 39 -17.29 -7.56 21.04
N GLU B 40 -16.76 -8.13 19.96
CA GLU B 40 -16.75 -7.45 18.66
C GLU B 40 -17.95 -7.72 17.74
N GLU B 41 -18.76 -8.72 18.07
CA GLU B 41 -19.82 -9.13 17.13
C GLU B 41 -21.27 -8.77 17.53
N VAL B 42 -21.47 -8.46 18.81
CA VAL B 42 -22.75 -8.12 19.46
C VAL B 42 -23.51 -6.98 18.80
N TYR B 43 -22.90 -5.85 18.45
CA TYR B 43 -23.70 -4.74 17.91
C TYR B 43 -24.44 -5.11 16.62
N PRO B 44 -23.75 -5.70 15.64
CA PRO B 44 -24.58 -6.09 14.50
C PRO B 44 -25.67 -7.09 14.91
N LEU B 45 -25.39 -7.91 15.90
CA LEU B 45 -26.36 -8.89 16.29
C LEU B 45 -27.60 -8.32 16.95
N LEU B 46 -27.39 -7.29 17.76
CA LEU B 46 -28.47 -6.54 18.38
C LEU B 46 -29.31 -5.92 17.30
N ALA B 47 -28.66 -5.36 16.28
CA ALA B 47 -29.40 -4.77 15.17
C ALA B 47 -30.26 -5.83 14.47
N GLN B 48 -29.68 -7.00 14.27
CA GLN B 48 -30.46 -8.04 13.64
C GLN B 48 -31.68 -8.43 14.50
N VAL B 49 -31.46 -8.50 15.81
CA VAL B 49 -32.55 -8.79 16.75
C VAL B 49 -33.65 -7.72 16.65
N ALA B 50 -33.20 -6.46 16.58
CA ALA B 50 -34.12 -5.36 16.40
C ALA B 50 -35.01 -5.59 15.19
N ARG B 51 -34.46 -6.08 14.07
CA ARG B 51 -35.38 -6.39 12.96
C ARG B 51 -36.34 -7.55 13.22
N ARG B 52 -35.81 -8.67 13.74
CA ARG B 52 -36.70 -9.80 13.84
C ARG B 52 -37.77 -9.60 14.85
N ALA B 53 -37.59 -8.64 15.76
CA ALA B 53 -38.63 -8.41 16.74
C ALA B 53 -39.82 -7.78 15.97
N GLY B 54 -39.54 -6.96 14.94
CA GLY B 54 -40.66 -6.46 14.19
C GLY B 54 -41.09 -5.12 14.68
N GLY B 55 -42.09 -4.53 14.04
CA GLY B 55 -42.60 -3.23 14.45
C GLY B 55 -41.50 -2.21 14.40
N VAL B 56 -41.71 -1.02 14.91
CA VAL B 56 -40.66 -0.03 14.95
C VAL B 56 -39.65 -0.15 16.11
N THR B 57 -38.60 -0.93 15.93
CA THR B 57 -37.65 -1.23 17.00
C THR B 57 -36.18 -1.06 16.57
N VAL B 58 -35.37 -0.34 17.34
CA VAL B 58 -33.96 -0.11 17.03
C VAL B 58 -33.03 -0.44 18.20
N ARG B 59 -31.72 -0.53 17.97
CA ARG B 59 -30.81 -0.70 19.10
C ARG B 59 -30.68 0.63 19.85
N MET B 60 -30.79 0.55 21.16
CA MET B 60 -30.53 1.68 22.04
C MET B 60 -29.56 1.23 23.11
N GLY B 61 -28.35 1.76 23.06
CA GLY B 61 -27.30 1.35 23.95
C GLY B 61 -27.02 -0.12 23.70
N ASP B 62 -27.04 -0.87 24.79
CA ASP B 62 -26.81 -2.32 24.76
C ASP B 62 -28.11 -3.11 24.58
N GLY B 63 -29.24 -2.41 24.47
CA GLY B 63 -30.52 -3.06 24.36
C GLY B 63 -31.37 -2.57 23.20
N LEU B 64 -32.67 -2.48 23.40
CA LEU B 64 -33.58 -2.17 22.31
C LEU B 64 -34.53 -1.08 22.74
N ALA B 65 -35.01 -0.31 21.78
CA ALA B 65 -36.08 0.65 22.01
C ALA B 65 -37.13 0.44 20.95
N SER B 66 -38.39 0.51 21.36
CA SER B 66 -39.48 0.28 20.43
C SER B 66 -40.58 1.27 20.66
N TRP B 67 -41.19 1.69 19.56
CA TRP B 67 -42.40 2.50 19.62
C TRP B 67 -43.62 1.63 19.53
N SER B 68 -43.37 0.34 19.50
CA SER B 68 -44.42 -0.63 19.47
C SER B 68 -44.40 -1.39 20.78
N PRO B 69 -45.57 -1.60 21.40
CA PRO B 69 -45.50 -2.27 22.70
C PRO B 69 -44.90 -3.67 22.55
N PRO B 70 -44.28 -4.18 23.61
CA PRO B 70 -43.67 -5.53 23.58
C PRO B 70 -44.64 -6.68 23.24
N GLU B 71 -45.96 -6.49 23.25
CA GLU B 71 -46.87 -7.60 23.00
C GLU B 71 -47.01 -7.83 21.55
N VAL B 72 -46.74 -6.79 20.82
CA VAL B 72 -46.87 -6.98 19.40
C VAL B 72 -45.50 -7.22 18.77
N LEU B 73 -44.45 -7.20 19.57
CA LEU B 73 -43.12 -7.55 19.08
C LEU B 73 -42.99 -9.08 19.12
N VAL B 74 -42.07 -9.66 18.36
CA VAL B 74 -41.71 -11.07 18.55
C VAL B 74 -40.65 -11.20 19.63
N LEU B 75 -41.03 -11.32 20.90
CA LEU B 75 -40.11 -11.25 22.01
C LEU B 75 -39.21 -12.46 22.06
N GLU B 76 -39.69 -13.62 21.62
CA GLU B 76 -38.78 -14.75 21.59
C GLU B 76 -38.57 -15.32 20.20
N GLY B 77 -37.34 -15.62 19.86
CA GLY B 77 -37.03 -16.19 18.55
C GLY B 77 -35.59 -16.67 18.28
N THR B 78 -35.21 -16.83 17.00
CA THR B 78 -33.85 -17.25 16.58
C THR B 78 -33.25 -16.45 15.43
N LEU B 79 -31.92 -16.29 15.51
CA LEU B 79 -31.02 -15.68 14.50
C LEU B 79 -29.86 -16.53 13.93
N ALA B 80 -29.32 -16.18 12.76
CA ALA B 80 -28.08 -16.81 12.22
C ALA B 80 -26.94 -15.87 11.74
N ARG B 81 -25.79 -15.86 12.42
CA ARG B 81 -24.62 -15.06 11.98
C ARG B 81 -23.30 -15.83 11.89
N MET B 82 -22.63 -15.69 10.74
CA MET B 82 -21.34 -16.35 10.44
C MET B 82 -21.29 -17.82 10.82
N GLY B 83 -22.34 -18.56 10.50
CA GLY B 83 -22.42 -19.98 10.78
C GLY B 83 -23.06 -20.25 12.12
N GLN B 84 -22.73 -19.43 13.12
CA GLN B 84 -23.26 -19.61 14.47
C GLN B 84 -24.75 -19.19 14.58
N THR B 85 -25.58 -20.03 15.20
CA THR B 85 -27.01 -19.78 15.47
C THR B 85 -27.33 -19.31 16.90
N TYR B 86 -28.05 -18.19 17.03
CA TYR B 86 -28.44 -17.69 18.33
C TYR B 86 -29.94 -17.73 18.60
N ALA B 87 -30.28 -17.85 19.88
CA ALA B 87 -31.67 -17.79 20.32
C ALA B 87 -31.81 -16.53 21.15
N TYR B 88 -32.74 -15.65 20.78
CA TYR B 88 -33.00 -14.41 21.49
C TYR B 88 -34.32 -14.39 22.29
N ARG B 89 -34.26 -13.73 23.44
CA ARG B 89 -35.46 -13.44 24.22
C ARG B 89 -35.42 -11.98 24.67
N LEU B 90 -36.50 -11.26 24.45
CA LEU B 90 -36.59 -9.84 24.79
C LEU B 90 -37.48 -9.64 26.01
N TYR B 91 -36.89 -9.14 27.08
CA TYR B 91 -37.60 -8.80 28.32
C TYR B 91 -37.91 -7.32 28.38
N PRO B 92 -39.21 -6.96 28.39
CA PRO B 92 -39.53 -5.53 28.49
C PRO B 92 -39.04 -5.00 29.83
N LYS B 93 -38.52 -3.78 29.81
CA LYS B 93 -38.01 -3.17 31.03
C LYS B 93 -38.49 -1.73 31.19
N GLY B 94 -39.77 -1.53 30.99
CA GLY B 94 -40.43 -0.26 31.18
C GLY B 94 -40.13 0.62 29.97
N ARG B 95 -40.38 1.93 30.10
CA ARG B 95 -40.14 2.88 29.06
C ARG B 95 -39.27 4.10 29.47
N ARG B 96 -38.34 4.50 28.61
CA ARG B 96 -37.38 5.54 28.93
C ARG B 96 -37.71 6.85 28.21
N PRO B 97 -38.08 7.89 28.97
CA PRO B 97 -38.36 9.24 28.45
C PRO B 97 -37.18 9.85 27.65
N LEU B 98 -37.35 9.94 26.34
CA LEU B 98 -36.28 10.40 25.46
C LEU B 98 -36.43 11.87 25.09
N ASP B 99 -35.49 12.69 25.41
CA ASP B 99 -35.63 14.10 25.11
C ASP B 99 -35.02 14.59 23.77
N PRO B 100 -35.74 15.27 22.85
CA PRO B 100 -35.06 15.61 21.59
C PRO B 100 -33.81 16.58 21.73
N LYS B 101 -33.64 17.30 22.85
CA LYS B 101 -32.43 18.20 22.99
C LYS B 101 -31.08 17.53 23.23
N ASP B 102 -31.14 16.46 24.01
CA ASP B 102 -29.97 15.69 24.35
C ASP B 102 -29.69 14.97 23.08
N PRO B 103 -28.72 15.55 22.29
CA PRO B 103 -28.48 14.87 21.01
C PRO B 103 -28.32 13.36 21.07
N GLY B 104 -28.06 12.83 22.26
CA GLY B 104 -27.91 11.41 22.38
C GLY B 104 -29.27 10.80 22.12
N GLU B 105 -30.22 11.27 22.89
CA GLU B 105 -31.57 10.81 22.78
C GLU B 105 -32.11 11.03 21.37
N ARG B 106 -31.97 12.23 20.84
CA ARG B 106 -32.45 12.50 19.50
C ARG B 106 -31.97 11.45 18.50
N SER B 107 -30.71 11.04 18.59
CA SER B 107 -30.18 10.04 17.67
C SER B 107 -30.99 8.76 17.74
N VAL B 108 -31.40 8.39 18.96
CA VAL B 108 -32.21 7.18 19.11
C VAL B 108 -33.61 7.41 18.50
N LEU B 109 -34.16 8.59 18.74
CA LEU B 109 -35.44 8.98 18.14
C LEU B 109 -35.40 9.02 16.61
N SER B 110 -34.30 9.47 16.05
CA SER B 110 -34.13 9.54 14.61
C SER B 110 -34.02 8.15 14.05
N ALA B 111 -33.37 7.27 14.80
CA ALA B 111 -33.28 5.87 14.34
C ALA B 111 -34.66 5.22 14.34
N LEU B 112 -35.43 5.48 15.39
CA LEU B 112 -36.83 5.07 15.42
C LEU B 112 -37.60 5.67 14.26
N ALA B 113 -37.35 6.95 13.98
CA ALA B 113 -38.05 7.61 12.89
C ALA B 113 -37.77 6.97 11.53
N ARG B 114 -36.50 6.65 11.26
CA ARG B 114 -36.19 6.01 9.99
C ARG B 114 -36.83 4.66 9.91
N ARG B 115 -36.80 3.94 11.04
CA ARG B 115 -37.43 2.66 10.95
C ARG B 115 -38.95 2.79 10.72
N LEU B 116 -39.60 3.72 11.41
CA LEU B 116 -41.01 3.98 11.13
C LEU B 116 -41.22 4.25 9.68
N LEU B 117 -40.43 5.15 9.09
CA LEU B 117 -40.61 5.43 7.68
C LEU B 117 -40.45 4.27 6.71
N GLN B 118 -39.39 3.50 6.88
CA GLN B 118 -39.14 2.35 6.06
C GLN B 118 -40.31 1.36 6.15
N GLU B 119 -40.68 1.08 7.42
CA GLU B 119 -41.78 0.18 7.79
C GLU B 119 -43.17 0.57 7.26
N ARG B 120 -43.47 1.87 7.42
CA ARG B 120 -44.76 2.41 6.98
C ARG B 120 -44.81 2.31 5.45
N LEU B 121 -43.66 2.56 4.79
CA LEU B 121 -43.59 2.51 3.34
C LEU B 121 -43.77 1.09 2.83
N ARG B 122 -43.35 0.09 3.61
CA ARG B 122 -43.53 -1.28 3.13
C ARG B 122 -44.98 -1.62 3.05
N ARG B 123 -45.75 -0.91 3.89
CA ARG B 123 -47.19 -1.26 3.91
C ARG B 123 -48.05 -0.46 3.00
N LEU B 124 -47.41 0.37 2.19
CA LEU B 124 -48.02 1.22 1.16
C LEU B 124 -48.43 0.35 -0.02
N GLU B 125 -49.71 0.45 -0.42
CA GLU B 125 -50.24 -0.36 -1.52
C GLU B 125 -50.15 0.36 -2.89
N GLY B 126 -49.75 -0.47 -3.85
CA GLY B 126 -49.57 -0.28 -5.27
C GLY B 126 -48.47 0.67 -5.66
N VAL B 127 -47.37 0.63 -4.94
CA VAL B 127 -46.20 1.51 -5.10
C VAL B 127 -44.92 0.71 -4.94
N TRP B 128 -43.91 1.05 -5.71
CA TRP B 128 -42.61 0.37 -5.58
C TRP B 128 -41.60 0.77 -4.53
N VAL B 129 -41.46 -0.11 -3.55
CA VAL B 129 -40.57 0.18 -2.42
C VAL B 129 -39.31 -0.65 -2.35
N GLU B 130 -38.18 0.07 -2.23
CA GLU B 130 -36.91 -0.57 -1.97
C GLU B 130 -36.20 0.10 -0.80
N GLY B 131 -36.26 -0.48 0.39
CA GLY B 131 -35.67 0.20 1.53
C GLY B 131 -36.46 1.49 1.68
N LEU B 132 -35.72 2.59 1.64
CA LEU B 132 -36.25 3.93 1.76
C LEU B 132 -36.52 4.61 0.41
N ALA B 133 -36.52 3.86 -0.70
CA ALA B 133 -36.94 4.42 -2.00
C ALA B 133 -38.36 4.02 -2.43
N VAL B 134 -39.12 4.95 -3.00
CA VAL B 134 -40.47 4.67 -3.50
C VAL B 134 -40.60 5.12 -4.96
N TYR B 135 -41.12 4.26 -5.83
CA TYR B 135 -41.36 4.63 -7.23
C TYR B 135 -42.85 4.53 -7.63
N ARG B 136 -43.25 5.55 -8.39
CA ARG B 136 -44.64 5.94 -8.57
C ARG B 136 -45.12 6.20 -10.01
N ARG B 137 -44.26 6.85 -10.79
CA ARG B 137 -44.62 7.29 -12.13
C ARG B 137 -43.70 6.80 -13.24
N GLU B 138 -44.32 6.37 -14.33
CA GLU B 138 -43.59 5.95 -15.53
C GLU B 138 -42.89 7.14 -16.19
N GLY B 144 -42.24 -3.15 -20.48
CA GLY B 144 -41.27 -4.23 -20.57
C GLY B 144 -39.86 -3.65 -20.59
N TRP B 145 -39.75 -2.39 -20.17
CA TRP B 145 -38.47 -1.66 -20.11
C TRP B 145 -38.55 -0.61 -19.02
N ARG B 146 -39.47 0.33 -19.20
CA ARG B 146 -39.82 1.31 -18.22
C ARG B 146 -38.79 2.28 -17.60
N VAL B 147 -39.28 3.48 -17.28
CA VAL B 147 -38.49 4.45 -16.52
C VAL B 147 -39.21 4.59 -15.17
N LEU B 148 -38.65 4.33 -13.99
CA LEU B 148 -39.54 4.59 -12.82
C LEU B 148 -39.18 5.90 -12.10
N GLY B 149 -40.17 6.69 -11.71
CA GLY B 149 -39.90 7.96 -11.00
C GLY B 149 -40.17 7.86 -9.51
N GLY B 150 -39.42 8.56 -8.67
CA GLY B 150 -39.69 8.48 -7.25
C GLY B 150 -38.80 9.38 -6.43
N ALA B 151 -38.39 8.89 -5.26
CA ALA B 151 -37.46 9.63 -4.41
C ALA B 151 -36.76 8.74 -3.40
N VAL B 152 -35.58 9.16 -3.00
CA VAL B 152 -34.93 8.62 -1.84
C VAL B 152 -35.38 9.42 -0.62
N LEU B 153 -35.78 8.73 0.45
CA LEU B 153 -36.37 9.40 1.61
C LEU B 153 -35.57 9.26 2.89
N ASP B 154 -35.81 10.19 3.80
CA ASP B 154 -35.26 10.01 5.14
C ASP B 154 -36.16 10.69 6.20
N LEU B 155 -36.06 10.21 7.44
CA LEU B 155 -36.86 10.73 8.55
C LEU B 155 -36.08 10.87 9.84
N TRP B 156 -36.03 12.07 10.40
CA TRP B 156 -35.46 12.18 11.74
C TRP B 156 -36.30 13.12 12.59
N VAL B 157 -35.81 13.43 13.79
CA VAL B 157 -36.52 14.30 14.72
C VAL B 157 -35.85 15.65 15.05
N SER B 158 -36.60 16.77 14.98
CA SER B 158 -35.98 18.04 15.29
C SER B 158 -35.90 18.09 16.81
N ASP B 159 -35.03 18.94 17.29
CA ASP B 159 -34.83 19.12 18.72
C ASP B 159 -36.03 19.71 19.43
N SER B 160 -36.97 20.27 18.67
CA SER B 160 -38.24 20.74 19.21
C SER B 160 -39.21 19.56 19.20
N GLY B 161 -38.73 18.38 18.83
CA GLY B 161 -39.55 17.19 18.87
C GLY B 161 -40.56 16.93 17.77
N ALA B 162 -40.20 17.27 16.53
CA ALA B 162 -41.10 17.03 15.39
C ALA B 162 -40.39 16.24 14.25
N PHE B 163 -41.18 15.50 13.46
CA PHE B 163 -40.65 14.76 12.30
C PHE B 163 -40.13 15.63 11.17
N LEU B 164 -38.93 15.30 10.71
CA LEU B 164 -38.28 15.90 9.55
C LEU B 164 -38.09 14.95 8.38
N LEU B 165 -38.69 15.30 7.25
CA LEU B 165 -38.59 14.53 6.01
C LEU B 165 -37.59 15.02 5.01
N GLU B 166 -36.63 14.19 4.64
CA GLU B 166 -35.76 14.61 3.56
C GLU B 166 -36.26 13.84 2.36
N VAL B 167 -36.39 14.55 1.25
CA VAL B 167 -36.92 13.95 0.05
C VAL B 167 -36.01 14.37 -1.04
N ASP B 168 -35.57 13.40 -1.83
CA ASP B 168 -34.84 13.72 -3.06
C ASP B 168 -35.27 12.79 -4.22
N PRO B 169 -35.88 13.39 -5.26
CA PRO B 169 -36.40 12.65 -6.42
C PRO B 169 -35.37 11.76 -7.08
N ALA B 170 -35.81 10.59 -7.54
CA ALA B 170 -34.89 9.66 -8.18
C ALA B 170 -35.60 8.76 -9.17
N TYR B 171 -34.83 8.26 -10.12
CA TYR B 171 -35.34 7.33 -11.10
C TYR B 171 -34.78 5.96 -10.86
N ARG B 172 -35.50 4.98 -11.42
CA ARG B 172 -35.19 3.57 -11.29
C ARG B 172 -35.31 2.92 -12.65
N ILE B 173 -34.24 2.23 -13.04
CA ILE B 173 -34.13 1.49 -14.30
C ILE B 173 -34.53 0.04 -14.04
N LEU B 174 -35.53 -0.46 -14.76
CA LEU B 174 -36.04 -1.79 -14.48
C LEU B 174 -35.93 -2.71 -15.70
N CYS B 175 -36.09 -2.16 -16.90
CA CYS B 175 -35.87 -2.87 -18.18
C CYS B 175 -36.23 -4.36 -18.19
N LEU B 279 -31.16 11.93 -17.70
CA LEU B 279 -31.74 11.49 -16.44
C LEU B 279 -31.49 12.52 -15.35
N SER B 280 -30.81 13.59 -15.71
CA SER B 280 -30.68 14.74 -14.82
C SER B 280 -31.98 15.53 -14.94
N LEU B 281 -32.27 16.36 -13.94
CA LEU B 281 -33.52 17.12 -13.92
C LEU B 281 -33.16 18.59 -13.84
N PRO B 282 -33.89 19.43 -14.61
CA PRO B 282 -33.69 20.85 -14.35
C PRO B 282 -34.03 21.11 -12.88
N TRP B 283 -33.33 22.05 -12.24
CA TRP B 283 -33.45 22.26 -10.80
C TRP B 283 -34.88 22.54 -10.37
N GLU B 284 -35.55 23.35 -11.16
CA GLU B 284 -36.90 23.73 -10.88
C GLU B 284 -37.89 22.56 -10.91
N GLU B 285 -37.68 21.67 -11.83
CA GLU B 285 -38.47 20.47 -11.96
C GLU B 285 -38.29 19.54 -10.79
N ARG B 286 -37.04 19.37 -10.42
CA ARG B 286 -36.69 18.56 -9.29
C ARG B 286 -37.35 19.17 -8.04
N ARG B 287 -37.33 20.50 -7.94
CA ARG B 287 -37.97 21.16 -6.81
C ARG B 287 -39.49 20.87 -6.76
N ARG B 288 -40.17 20.99 -7.89
CA ARG B 288 -41.58 20.67 -7.88
C ARG B 288 -41.93 19.27 -7.49
N ARG B 289 -41.22 18.34 -8.13
CA ARG B 289 -41.48 16.95 -7.88
C ARG B 289 -41.15 16.65 -6.42
N THR B 290 -40.20 17.39 -5.88
CA THR B 290 -39.80 17.23 -4.48
C THR B 290 -41.01 17.60 -3.59
N ARG B 291 -41.63 18.75 -3.87
CA ARG B 291 -42.83 19.13 -3.09
C ARG B 291 -44.06 18.21 -3.23
N GLU B 292 -44.34 17.83 -4.48
CA GLU B 292 -45.45 16.95 -4.74
C GLU B 292 -45.29 15.65 -3.95
N ILE B 293 -44.10 15.09 -4.06
CA ILE B 293 -43.84 13.86 -3.34
C ILE B 293 -43.77 14.04 -1.83
N ALA B 294 -43.28 15.16 -1.35
CA ALA B 294 -43.32 15.39 0.10
C ALA B 294 -44.72 15.40 0.72
N SER B 295 -45.69 16.05 0.04
CA SER B 295 -47.07 16.07 0.54
C SER B 295 -47.81 14.75 0.37
N TRP B 296 -47.62 14.17 -0.80
CA TRP B 296 -48.23 12.89 -1.12
C TRP B 296 -47.79 11.92 -0.04
N ILE B 297 -46.51 11.88 0.28
CA ILE B 297 -46.12 10.94 1.31
C ILE B 297 -46.53 11.36 2.74
N GLY B 298 -46.44 12.64 3.06
CA GLY B 298 -46.85 13.05 4.40
C GLY B 298 -48.34 12.81 4.78
N ARG B 299 -49.21 12.94 3.76
CA ARG B 299 -50.68 12.73 3.83
C ARG B 299 -51.09 11.29 3.93
N ARG B 300 -50.14 10.48 3.60
CA ARG B 300 -50.35 9.06 3.52
C ARG B 300 -49.80 8.23 4.57
N LEU B 301 -48.80 8.83 5.16
CA LEU B 301 -47.97 8.32 6.13
C LEU B 301 -48.61 8.61 7.47
N GLY B 302 -49.42 9.67 7.49
CA GLY B 302 -50.04 10.04 8.72
C GLY B 302 -49.15 10.91 9.58
N LEU B 303 -48.29 11.69 8.92
CA LEU B 303 -47.35 12.49 9.69
C LEU B 303 -47.61 13.98 9.51
N GLY B 304 -48.80 14.31 9.02
CA GLY B 304 -49.22 15.68 8.86
C GLY B 304 -48.96 16.31 7.53
N THR B 305 -49.16 17.61 7.47
CA THR B 305 -49.00 18.29 6.20
C THR B 305 -47.53 18.78 6.32
N PRO B 306 -46.67 18.50 5.31
CA PRO B 306 -45.24 18.86 5.24
C PRO B 306 -45.03 20.33 5.01
N GLU B 307 -44.23 20.98 5.78
CA GLU B 307 -43.92 22.34 5.48
C GLU B 307 -42.42 22.55 5.18
N ALA B 308 -42.05 23.03 3.98
CA ALA B 308 -40.66 23.13 3.55
C ALA B 308 -39.85 24.05 4.45
N VAL B 309 -38.63 23.60 4.75
CA VAL B 309 -37.76 24.33 5.63
C VAL B 309 -36.93 25.37 4.91
N ARG B 310 -36.88 26.52 5.53
CA ARG B 310 -36.15 27.62 4.99
C ARG B 310 -34.86 27.73 5.78
N ALA B 311 -33.89 28.40 5.18
CA ALA B 311 -32.63 28.69 5.85
C ALA B 311 -32.11 29.98 5.31
N GLN B 312 -31.27 30.62 6.12
CA GLN B 312 -30.71 31.88 5.73
C GLN B 312 -29.49 31.50 4.89
N ALA B 313 -29.35 32.15 3.76
CA ALA B 313 -28.24 31.91 2.88
C ALA B 313 -27.53 33.21 2.61
N TYR B 314 -26.27 33.14 2.21
CA TYR B 314 -25.51 34.37 1.95
C TYR B 314 -24.83 34.23 0.62
N ARG B 315 -24.76 35.31 -0.12
CA ARG B 315 -24.18 35.30 -1.44
C ARG B 315 -22.76 35.77 -1.30
N LEU B 316 -21.84 34.87 -1.63
CA LEU B 316 -20.43 35.12 -1.53
C LEU B 316 -19.95 36.01 -2.70
N SER B 317 -18.87 36.74 -2.49
CA SER B 317 -18.30 37.66 -3.50
C SER B 317 -17.77 36.83 -4.64
N ILE B 318 -18.01 37.28 -5.85
CA ILE B 318 -17.48 36.61 -7.04
C ILE B 318 -15.96 36.66 -7.00
N PRO B 319 -15.31 35.50 -7.18
CA PRO B 319 -13.85 35.49 -7.09
C PRO B 319 -13.17 36.14 -8.29
N LYS B 320 -11.97 36.69 -8.11
CA LYS B 320 -11.28 37.33 -9.24
C LYS B 320 -10.13 36.50 -9.86
N LEU B 321 -10.38 36.03 -11.08
CA LEU B 321 -9.41 35.16 -11.70
C LEU B 321 -8.44 35.96 -12.58
N MET B 322 -7.14 35.69 -12.44
CA MET B 322 -6.06 36.37 -13.21
C MET B 322 -5.22 35.47 -14.07
N GLY B 323 -5.18 35.74 -15.35
CA GLY B 323 -4.09 35.20 -16.17
C GLY B 323 -3.01 36.26 -16.10
N ARG B 324 -2.41 36.66 -17.23
CA ARG B 324 -1.51 37.83 -17.27
C ARG B 324 -2.42 39.01 -16.90
N ARG B 325 -3.69 38.90 -17.31
CA ARG B 325 -4.74 39.84 -16.89
C ARG B 325 -6.01 39.07 -16.49
N ALA B 326 -6.99 39.83 -16.08
CA ALA B 326 -8.25 39.23 -15.64
C ALA B 326 -8.87 38.37 -16.71
N VAL B 327 -9.41 37.23 -16.28
CA VAL B 327 -10.07 36.31 -17.17
C VAL B 327 -11.37 35.88 -16.47
N SER B 328 -12.28 35.25 -17.20
CA SER B 328 -13.51 34.71 -16.63
C SER B 328 -13.43 33.21 -16.52
N LYS B 329 -12.46 32.67 -17.25
CA LYS B 329 -12.24 31.24 -17.28
C LYS B 329 -10.78 31.03 -17.59
N PRO B 330 -10.21 29.90 -17.14
CA PRO B 330 -8.80 29.59 -17.39
C PRO B 330 -8.35 29.53 -18.82
N ALA B 331 -9.27 29.17 -19.72
CA ALA B 331 -8.95 29.11 -21.14
C ALA B 331 -8.53 30.45 -21.75
N ASP B 332 -8.99 31.52 -21.12
CA ASP B 332 -8.66 32.86 -21.55
C ASP B 332 -7.18 33.18 -21.40
N ALA B 333 -6.51 32.47 -20.52
CA ALA B 333 -5.09 32.71 -20.30
C ALA B 333 -4.33 32.38 -21.60
N LEU B 334 -4.90 31.53 -22.45
CA LEU B 334 -4.31 31.25 -23.76
C LEU B 334 -4.27 32.45 -24.73
N ARG B 335 -5.09 33.45 -24.49
CA ARG B 335 -5.19 34.64 -25.36
C ARG B 335 -4.57 35.84 -24.67
N VAL B 336 -4.83 36.01 -23.38
CA VAL B 336 -4.28 37.15 -22.66
C VAL B 336 -2.88 36.90 -22.08
N GLY B 337 -2.53 35.63 -21.90
CA GLY B 337 -1.26 35.24 -21.31
C GLY B 337 -1.43 34.63 -19.93
N PHE B 338 -0.38 33.93 -19.46
CA PHE B 338 -0.44 33.23 -18.17
C PHE B 338 -0.12 34.10 -17.02
N TYR B 339 -0.57 33.68 -15.84
CA TYR B 339 -0.32 34.41 -14.62
C TYR B 339 1.16 34.53 -14.35
N ARG B 340 1.88 33.46 -14.58
CA ARG B 340 3.34 33.49 -14.47
C ARG B 340 4.01 32.56 -15.44
N ALA B 341 4.42 33.14 -16.55
CA ALA B 341 5.14 32.41 -17.54
C ALA B 341 6.63 32.47 -17.34
N GLN B 342 7.26 31.41 -17.77
CA GLN B 342 8.69 31.22 -17.77
C GLN B 342 9.12 30.39 -18.96
N GLU B 343 10.40 30.46 -19.29
CA GLU B 343 10.96 29.71 -20.38
C GLU B 343 10.62 28.22 -20.26
N THR B 344 10.01 27.78 -21.36
CA THR B 344 9.51 26.42 -21.51
C THR B 344 9.91 25.72 -22.79
N ALA B 345 9.95 24.41 -22.73
CA ALA B 345 10.27 23.57 -23.86
C ALA B 345 9.26 22.44 -23.76
N LEU B 346 8.56 22.21 -24.86
CA LEU B 346 7.56 21.21 -24.81
C LEU B 346 7.96 20.20 -25.88
N ALA B 347 7.67 18.92 -25.74
CA ALA B 347 7.95 18.02 -26.87
C ALA B 347 6.68 17.34 -27.41
N LEU B 348 6.68 17.03 -28.71
CA LEU B 348 5.57 16.30 -29.31
C LEU B 348 5.93 14.87 -29.67
N LEU B 349 5.08 13.94 -29.25
CA LEU B 349 5.22 12.52 -29.60
C LEU B 349 3.96 12.13 -30.35
N ARG B 350 4.17 11.65 -31.58
CA ARG B 350 3.08 11.26 -32.46
C ARG B 350 3.03 9.76 -32.54
N LEU B 351 1.90 9.19 -32.18
CA LEU B 351 1.76 7.77 -32.28
C LEU B 351 0.99 7.41 -33.54
N ASP B 352 0.63 8.43 -34.31
CA ASP B 352 -0.23 8.20 -35.46
C ASP B 352 0.52 8.21 -36.80
N GLY B 353 1.85 8.25 -36.78
CA GLY B 353 2.59 8.15 -38.03
C GLY B 353 2.59 9.46 -38.81
N ALA B 354 2.03 10.50 -38.25
CA ALA B 354 1.93 11.79 -38.90
C ALA B 354 3.08 12.79 -38.84
N GLN B 355 2.83 13.93 -39.47
CA GLN B 355 3.74 15.09 -39.65
C GLN B 355 4.51 15.57 -38.44
N GLY B 356 4.37 16.85 -38.10
CA GLY B 356 5.01 17.46 -36.96
C GLY B 356 3.92 18.09 -36.15
N TRP B 357 4.14 19.26 -35.59
CA TRP B 357 3.06 19.89 -34.83
C TRP B 357 1.92 20.24 -35.77
N PRO B 358 0.70 19.90 -35.40
CA PRO B 358 -0.38 20.57 -36.15
C PRO B 358 -0.28 22.11 -36.04
N GLU B 359 -0.35 22.83 -37.16
CA GLU B 359 -0.02 24.26 -37.21
C GLU B 359 -0.89 25.04 -36.22
N PHE B 360 -2.16 24.69 -36.09
CA PHE B 360 -3.02 25.49 -35.21
C PHE B 360 -2.63 25.37 -33.72
N LEU B 361 -2.10 24.21 -33.33
CA LEU B 361 -1.56 24.02 -31.97
C LEU B 361 -0.31 24.89 -31.77
N ARG B 362 0.59 24.84 -32.74
CA ARG B 362 1.74 25.69 -32.67
C ARG B 362 1.42 27.15 -32.55
N ARG B 363 0.54 27.58 -33.42
CA ARG B 363 0.23 28.98 -33.49
C ARG B 363 -0.40 29.39 -32.13
N ALA B 364 -1.24 28.52 -31.57
CA ALA B 364 -1.91 28.86 -30.31
C ALA B 364 -0.96 28.95 -29.13
N LEU B 365 0.00 28.01 -29.05
CA LEU B 365 1.02 28.02 -28.01
C LEU B 365 1.86 29.28 -28.14
N LEU B 366 2.34 29.55 -29.37
CA LEU B 366 3.16 30.76 -29.61
C LEU B 366 2.44 32.01 -29.20
N ARG B 367 1.18 32.06 -29.52
CA ARG B 367 0.34 33.19 -29.17
C ARG B 367 0.26 33.34 -27.64
N ALA B 368 0.01 32.25 -26.92
CA ALA B 368 -0.08 32.28 -25.45
C ALA B 368 1.26 32.80 -24.88
N PHE B 369 2.39 32.27 -25.35
CA PHE B 369 3.69 32.66 -24.80
C PHE B 369 4.07 34.09 -25.17
N GLY B 370 3.69 34.52 -26.36
CA GLY B 370 3.92 35.89 -26.73
C GLY B 370 3.14 36.84 -25.84
N ALA B 371 1.88 36.52 -25.56
CA ALA B 371 1.11 37.35 -24.65
C ALA B 371 1.70 37.32 -23.27
N SER B 372 2.33 36.21 -22.89
CA SER B 372 2.90 36.10 -21.55
C SER B 372 4.28 36.72 -21.45
N GLY B 373 4.89 37.02 -22.58
CA GLY B 373 6.24 37.52 -22.57
C GLY B 373 7.29 36.49 -22.18
N ALA B 374 7.09 35.23 -22.55
CA ALA B 374 8.07 34.22 -22.21
C ALA B 374 8.38 33.45 -23.48
N SER B 375 9.56 32.83 -23.51
CA SER B 375 10.03 32.17 -24.72
C SER B 375 9.66 30.68 -24.71
N LEU B 376 9.27 30.16 -25.88
CA LEU B 376 8.93 28.76 -26.05
C LEU B 376 9.83 28.00 -27.04
N ARG B 377 10.27 26.81 -26.68
CA ARG B 377 10.98 25.92 -27.60
C ARG B 377 10.14 24.68 -27.79
N LEU B 378 9.87 24.32 -29.05
CA LEU B 378 9.07 23.14 -29.34
C LEU B 378 9.95 22.06 -29.95
N HIS B 379 9.87 20.85 -29.40
CA HIS B 379 10.68 19.74 -29.84
C HIS B 379 9.82 18.63 -30.42
N THR B 380 10.43 17.76 -31.21
CA THR B 380 9.68 16.60 -31.68
C THR B 380 10.48 15.34 -31.24
N LEU B 381 9.77 14.36 -30.67
CA LEU B 381 10.41 13.09 -30.35
C LEU B 381 10.26 12.13 -31.52
N HIS B 382 11.37 11.92 -32.20
CA HIS B 382 11.40 10.94 -33.25
C HIS B 382 11.74 9.55 -32.70
N ALA B 383 10.86 9.07 -31.84
CA ALA B 383 11.03 7.75 -31.29
C ALA B 383 9.64 7.22 -31.06
N HIS B 384 9.53 5.91 -30.96
CA HIS B 384 8.26 5.25 -30.71
C HIS B 384 8.40 4.26 -29.59
N PRO B 385 7.34 4.12 -28.71
CA PRO B 385 7.56 3.15 -27.64
C PRO B 385 7.75 1.73 -28.06
N SER B 386 7.43 1.40 -29.30
CA SER B 386 7.62 0.04 -29.73
C SER B 386 9.09 -0.19 -29.95
N GLN B 387 9.91 0.85 -29.79
CA GLN B 387 11.34 0.64 -29.92
C GLN B 387 11.92 0.08 -28.62
N GLY B 388 11.09 -0.05 -27.60
CA GLY B 388 11.60 -0.56 -26.34
C GLY B 388 12.51 0.42 -25.62
N LEU B 389 13.67 -0.07 -25.18
CA LEU B 389 14.57 0.74 -24.37
C LEU B 389 15.21 1.90 -25.11
N ALA B 390 15.28 1.79 -26.43
CA ALA B 390 15.78 2.88 -27.25
C ALA B 390 14.87 4.07 -27.07
N PHE B 391 13.58 3.78 -26.94
CA PHE B 391 12.59 4.81 -26.70
C PHE B 391 12.95 5.54 -25.39
N ARG B 392 13.23 4.81 -24.33
CA ARG B 392 13.57 5.51 -23.08
C ARG B 392 14.80 6.37 -23.21
N GLU B 393 15.75 5.95 -24.03
CA GLU B 393 16.93 6.75 -24.24
C GLU B 393 16.57 8.10 -24.88
N ALA B 394 15.69 8.07 -25.88
CA ALA B 394 15.22 9.32 -26.48
C ALA B 394 14.57 10.24 -25.48
N LEU B 395 13.78 9.65 -24.59
CA LEU B 395 13.19 10.45 -23.54
C LEU B 395 14.24 11.08 -22.69
N ARG B 396 15.23 10.29 -22.28
CA ARG B 396 16.29 10.81 -21.43
C ARG B 396 16.95 11.98 -22.13
N LYS B 397 17.31 11.80 -23.38
CA LYS B 397 17.89 12.87 -24.15
C LYS B 397 16.98 14.07 -24.24
N ALA B 398 15.71 13.85 -24.46
CA ALA B 398 14.78 14.94 -24.57
C ALA B 398 14.76 15.77 -23.33
N LYS B 399 14.85 15.09 -22.22
CA LYS B 399 14.82 15.69 -20.93
C LYS B 399 16.06 16.47 -20.66
N GLU B 400 17.19 15.93 -21.10
CA GLU B 400 18.49 16.55 -20.89
C GLU B 400 18.55 17.84 -21.67
N GLU B 401 17.80 17.88 -22.74
CA GLU B 401 17.78 19.04 -23.61
C GLU B 401 16.77 20.11 -23.18
N GLY B 402 16.08 19.86 -22.07
CA GLY B 402 15.20 20.86 -21.50
C GLY B 402 13.72 20.58 -21.59
N VAL B 403 13.31 19.52 -22.27
CA VAL B 403 11.87 19.28 -22.39
C VAL B 403 11.23 19.10 -21.01
N GLN B 404 10.08 19.71 -20.79
CA GLN B 404 9.45 19.73 -19.47
C GLN B 404 8.19 18.88 -19.43
N ALA B 405 7.57 18.71 -20.61
CA ALA B 405 6.35 17.92 -20.70
C ALA B 405 6.14 17.49 -22.16
N VAL B 406 5.31 16.47 -22.36
CA VAL B 406 5.12 15.98 -23.71
C VAL B 406 3.66 15.91 -24.14
N LEU B 407 3.41 16.35 -25.37
CA LEU B 407 2.09 16.24 -25.93
C LEU B 407 2.01 14.98 -26.78
N VAL B 408 1.09 14.08 -26.44
CA VAL B 408 0.98 12.83 -27.17
C VAL B 408 -0.25 12.78 -28.05
N LEU B 409 -0.03 12.79 -29.37
CA LEU B 409 -1.10 12.72 -30.38
C LEU B 409 -1.26 11.26 -30.73
N THR B 410 -2.41 10.70 -30.40
CA THR B 410 -2.57 9.26 -30.59
C THR B 410 -4.01 8.92 -30.82
N PRO B 411 -4.26 7.87 -31.60
CA PRO B 411 -5.62 7.33 -31.65
C PRO B 411 -6.00 6.88 -30.27
N PRO B 412 -7.29 6.81 -29.95
CA PRO B 412 -7.69 6.47 -28.58
C PRO B 412 -6.99 5.19 -28.09
N MET B 413 -6.43 5.28 -26.89
CA MET B 413 -5.68 4.16 -26.34
C MET B 413 -6.52 3.39 -25.31
N ALA B 414 -6.31 2.09 -25.20
CA ALA B 414 -6.86 1.28 -24.11
C ALA B 414 -6.26 1.71 -22.78
N TRP B 415 -6.99 1.48 -21.68
CA TRP B 415 -6.53 1.97 -20.37
C TRP B 415 -5.13 1.49 -20.02
N GLU B 416 -4.84 0.22 -20.30
CA GLU B 416 -3.54 -0.34 -19.92
C GLU B 416 -2.39 0.34 -20.72
N ASP B 417 -2.59 0.55 -22.01
CA ASP B 417 -1.58 1.19 -22.84
C ASP B 417 -1.36 2.64 -22.42
N ARG B 418 -2.47 3.31 -22.16
CA ARG B 418 -2.44 4.66 -21.66
C ARG B 418 -1.61 4.70 -20.35
N ASN B 419 -1.95 3.83 -19.41
CA ASN B 419 -1.21 3.76 -18.14
C ASN B 419 0.30 3.44 -18.29
N ARG B 420 0.61 2.47 -19.13
CA ARG B 420 1.98 2.08 -19.36
C ARG B 420 2.79 3.23 -19.95
N LEU B 421 2.18 3.92 -20.91
CA LEU B 421 2.83 5.02 -21.61
C LEU B 421 3.12 6.15 -20.63
N LYS B 422 2.09 6.50 -19.85
CA LYS B 422 2.23 7.59 -18.89
C LYS B 422 3.32 7.29 -17.90
N ALA B 423 3.31 6.06 -17.40
CA ALA B 423 4.29 5.62 -16.41
C ALA B 423 5.70 5.63 -17.00
N LEU B 424 5.84 5.13 -18.22
CA LEU B 424 7.13 5.17 -18.88
C LEU B 424 7.70 6.62 -18.99
N LEU B 425 6.93 7.56 -19.51
CA LEU B 425 7.48 8.91 -19.57
C LEU B 425 7.80 9.50 -18.20
N LEU B 426 6.91 9.23 -17.29
CA LEU B 426 7.03 9.71 -15.94
C LEU B 426 8.36 9.24 -15.29
N ARG B 427 8.77 8.03 -15.65
CA ARG B 427 9.96 7.42 -15.07
C ARG B 427 11.20 8.17 -15.53
N GLU B 428 11.09 8.82 -16.68
CA GLU B 428 12.12 9.73 -17.13
C GLU B 428 11.83 11.18 -16.75
N GLY B 429 10.90 11.42 -15.83
CA GLY B 429 10.61 12.76 -15.31
C GLY B 429 9.76 13.66 -16.23
N LEU B 430 9.10 13.06 -17.20
CA LEU B 430 8.33 13.80 -18.18
C LEU B 430 6.83 13.58 -18.01
N PRO B 431 6.12 14.60 -17.49
CA PRO B 431 4.65 14.51 -17.53
C PRO B 431 4.14 14.53 -18.96
N SER B 432 2.99 13.94 -19.23
CA SER B 432 2.48 13.89 -20.60
C SER B 432 1.00 14.28 -20.65
N GLN B 433 0.57 14.86 -21.77
CA GLN B 433 -0.84 15.17 -21.99
C GLN B 433 -1.28 14.44 -23.22
N ILE B 434 -2.31 13.60 -23.11
CA ILE B 434 -2.80 12.93 -24.32
C ILE B 434 -3.87 13.73 -25.03
N LEU B 435 -3.83 13.70 -26.35
CA LEU B 435 -4.87 14.33 -27.18
C LEU B 435 -5.16 13.40 -28.33
N ASN B 436 -6.38 12.90 -28.39
CA ASN B 436 -6.70 11.93 -29.40
C ASN B 436 -6.89 12.49 -30.77
N VAL B 437 -6.61 11.63 -31.76
CA VAL B 437 -6.72 11.98 -33.17
C VAL B 437 -7.72 10.93 -33.61
N PRO B 438 -8.56 11.25 -34.57
CA PRO B 438 -8.52 12.45 -35.41
C PRO B 438 -8.86 13.74 -34.63
N LEU B 439 -8.29 14.84 -35.09
CA LEU B 439 -8.42 16.10 -34.41
C LEU B 439 -8.66 17.20 -35.41
N ARG B 440 -9.78 17.89 -35.29
CA ARG B 440 -10.08 19.01 -36.17
C ARG B 440 -9.93 20.35 -35.46
N GLU B 441 -9.57 21.40 -36.20
CA GLU B 441 -9.35 22.72 -35.60
C GLU B 441 -10.62 23.25 -34.93
N GLU B 442 -11.80 22.89 -35.42
CA GLU B 442 -13.07 23.34 -34.84
C GLU B 442 -13.37 22.76 -33.46
N GLU B 443 -12.69 21.68 -33.09
CA GLU B 443 -12.90 21.10 -31.76
C GLU B 443 -12.06 21.84 -30.72
N ARG B 444 -12.30 23.13 -30.70
CA ARG B 444 -11.49 24.06 -29.92
C ARG B 444 -11.48 23.78 -28.42
N HIS B 445 -12.58 23.34 -27.85
CA HIS B 445 -12.68 23.09 -26.41
C HIS B 445 -11.78 21.96 -25.94
N ARG B 446 -11.87 20.85 -26.67
CA ARG B 446 -11.05 19.67 -26.40
C ARG B 446 -9.55 19.99 -26.49
N TRP B 447 -9.11 20.55 -27.59
CA TRP B 447 -7.67 20.78 -27.73
C TRP B 447 -7.18 21.94 -26.88
N GLU B 448 -8.00 22.95 -26.63
CA GLU B 448 -7.57 24.00 -25.70
C GLU B 448 -7.43 23.44 -24.28
N ASN B 449 -8.34 22.57 -23.90
CA ASN B 449 -8.16 21.90 -22.62
C ASN B 449 -6.93 21.03 -22.56
N ALA B 450 -6.63 20.35 -23.66
CA ALA B 450 -5.38 19.59 -23.74
C ALA B 450 -4.16 20.51 -23.52
N LEU B 451 -4.19 21.67 -24.19
CA LEU B 451 -3.09 22.62 -24.11
C LEU B 451 -2.87 23.13 -22.66
N LEU B 452 -3.98 23.39 -21.99
CA LEU B 452 -3.93 23.84 -20.60
C LEU B 452 -3.35 22.74 -19.73
N GLY B 453 -3.76 21.49 -20.01
CA GLY B 453 -3.20 20.33 -19.33
C GLY B 453 -1.69 20.28 -19.49
N LEU B 454 -1.23 20.41 -20.73
CA LEU B 454 0.20 20.38 -20.99
C LEU B 454 0.96 21.41 -20.22
N LEU B 455 0.40 22.61 -20.18
CA LEU B 455 1.06 23.71 -19.49
C LEU B 455 1.13 23.49 -17.99
N ALA B 456 0.04 23.01 -17.39
CA ALA B 456 0.07 22.72 -15.96
C ALA B 456 1.06 21.59 -15.64
N LYS B 457 1.16 20.61 -16.56
CA LYS B 457 2.08 19.49 -16.39
C LYS B 457 3.53 19.92 -16.61
N ALA B 458 3.73 21.10 -17.19
CA ALA B 458 5.09 21.62 -17.44
C ALA B 458 5.54 22.49 -16.32
N GLY B 459 4.64 22.74 -15.39
CA GLY B 459 4.98 23.54 -14.22
C GLY B 459 4.62 25.01 -14.32
N LEU B 460 3.81 25.36 -15.33
CA LEU B 460 3.35 26.74 -15.57
C LEU B 460 2.17 27.10 -14.66
N GLN B 461 2.17 28.30 -14.08
CA GLN B 461 1.03 28.86 -13.35
C GLN B 461 0.12 29.61 -14.36
N VAL B 462 -0.98 28.99 -14.74
CA VAL B 462 -1.79 29.56 -15.77
C VAL B 462 -2.67 30.68 -15.24
N VAL B 463 -3.36 30.42 -14.14
CA VAL B 463 -4.16 31.43 -13.46
C VAL B 463 -3.91 31.51 -11.96
N ALA B 464 -4.22 32.65 -11.35
CA ALA B 464 -4.18 32.76 -9.89
C ALA B 464 -5.33 33.62 -9.36
N LEU B 465 -5.63 33.57 -8.06
CA LEU B 465 -6.75 34.40 -7.63
C LEU B 465 -6.28 35.79 -7.20
N SER B 466 -7.15 36.77 -7.29
CA SER B 466 -6.84 38.06 -6.75
C SER B 466 -7.74 38.25 -5.53
N GLY B 467 -7.21 38.72 -4.41
CA GLY B 467 -8.08 38.94 -3.28
C GLY B 467 -7.42 38.58 -1.99
N ALA B 468 -8.03 38.91 -0.85
CA ALA B 468 -7.29 38.57 0.34
C ALA B 468 -8.00 37.40 1.01
N TYR B 469 -7.20 36.52 1.61
CA TYR B 469 -7.80 35.38 2.24
C TYR B 469 -7.12 35.20 3.58
N PRO B 470 -7.82 34.63 4.57
CA PRO B 470 -7.25 34.36 5.89
C PRO B 470 -5.90 33.61 5.80
N ALA B 471 -5.92 32.49 5.06
CA ALA B 471 -4.75 31.62 4.90
C ALA B 471 -3.98 31.76 3.57
N GLU B 472 -2.66 31.91 3.65
CA GLU B 472 -1.79 32.01 2.47
C GLU B 472 -1.29 30.67 1.96
N LEU B 473 -1.72 29.60 2.62
CA LEU B 473 -1.35 28.28 2.19
C LEU B 473 -2.61 27.43 2.39
N ALA B 474 -3.04 26.72 1.35
CA ALA B 474 -4.21 25.87 1.50
C ALA B 474 -3.81 24.49 1.15
N VAL B 475 -4.17 23.52 1.99
CA VAL B 475 -3.78 22.17 1.64
C VAL B 475 -4.94 21.19 1.74
N GLY B 476 -4.99 20.28 0.77
CA GLY B 476 -6.03 19.29 0.67
C GLY B 476 -5.44 17.88 0.84
N PHE B 477 -6.18 17.02 1.51
CA PHE B 477 -5.79 15.65 1.88
C PHE B 477 -6.83 14.68 1.35
N ASP B 478 -6.42 13.61 0.68
CA ASP B 478 -7.40 12.61 0.26
C ASP B 478 -6.72 11.24 0.31
N ALA B 479 -7.54 10.20 0.14
CA ALA B 479 -7.03 8.85 0.04
C ALA B 479 -7.63 8.21 -1.22
N GLY B 480 -6.79 7.47 -1.95
CA GLY B 480 -7.17 6.85 -3.20
C GLY B 480 -6.69 5.44 -3.43
N GLY B 481 -7.20 4.81 -4.47
CA GLY B 481 -6.84 3.43 -4.72
C GLY B 481 -8.08 2.61 -4.46
N ARG B 482 -8.27 1.54 -5.22
CA ARG B 482 -9.51 0.79 -5.10
C ARG B 482 -9.20 -0.59 -4.52
N GLU B 483 -7.92 -0.86 -4.34
CA GLU B 483 -7.50 -2.14 -3.80
C GLU B 483 -7.60 -2.26 -2.30
N SER B 484 -6.91 -3.27 -1.78
CA SER B 484 -6.94 -3.52 -0.38
C SER B 484 -6.03 -2.58 0.40
N PHE B 485 -5.50 -1.55 -0.26
CA PHE B 485 -4.66 -0.57 0.39
C PHE B 485 -4.86 0.75 -0.33
N ARG B 486 -4.73 1.85 0.37
CA ARG B 486 -4.88 3.15 -0.24
C ARG B 486 -3.56 3.89 -0.24
N PHE B 487 -3.60 5.04 -0.91
CA PHE B 487 -2.58 6.08 -0.86
C PHE B 487 -3.19 7.34 -0.27
N GLY B 488 -2.56 7.82 0.79
CA GLY B 488 -2.91 9.07 1.41
C GLY B 488 -2.01 10.11 0.82
N GLY B 489 -2.60 11.24 0.37
CA GLY B 489 -1.86 12.26 -0.35
C GLY B 489 -2.37 13.68 -0.13
N ALA B 490 -1.53 14.62 -0.54
CA ALA B 490 -1.83 16.01 -0.31
C ALA B 490 -1.47 16.83 -1.51
N ALA B 491 -2.23 17.92 -1.73
CA ALA B 491 -1.86 18.87 -2.76
C ALA B 491 -2.06 20.24 -2.15
N CYS B 492 -1.32 21.22 -2.66
CA CYS B 492 -1.40 22.50 -2.02
C CYS B 492 -1.40 23.66 -3.03
N ALA B 493 -1.97 24.75 -2.54
CA ALA B 493 -1.92 26.03 -3.20
C ALA B 493 -1.10 26.99 -2.32
N VAL B 494 -0.04 27.55 -2.92
CA VAL B 494 0.91 28.34 -2.16
C VAL B 494 0.60 29.81 -2.54
N GLY B 495 0.93 30.65 -1.57
CA GLY B 495 0.82 32.10 -1.49
C GLY B 495 -0.69 32.40 -1.35
N GLY B 496 -1.03 33.67 -1.12
CA GLY B 496 -2.42 34.14 -1.07
C GLY B 496 -3.29 34.06 -2.30
N ASP B 497 -2.62 34.11 -3.44
CA ASP B 497 -3.20 34.15 -4.76
C ASP B 497 -3.39 32.74 -5.30
N GLY B 498 -2.81 31.79 -4.58
CA GLY B 498 -2.62 30.41 -5.01
C GLY B 498 -1.63 30.39 -6.14
N GLY B 499 -0.64 31.27 -5.96
CA GLY B 499 0.35 31.56 -6.97
C GLY B 499 1.12 30.30 -7.36
N HIS B 500 1.01 29.20 -6.59
CA HIS B 500 1.67 27.96 -7.00
C HIS B 500 0.84 26.74 -6.62
N LEU B 501 0.83 25.75 -7.51
CA LEU B 501 0.12 24.54 -7.23
C LEU B 501 1.11 23.40 -7.25
N LEU B 502 1.15 22.64 -6.16
CA LEU B 502 2.11 21.54 -5.90
C LEU B 502 1.43 20.28 -5.46
N TRP B 503 2.16 19.18 -5.61
CA TRP B 503 1.72 17.89 -5.04
C TRP B 503 2.84 17.35 -4.14
N THR B 504 2.56 16.30 -3.35
CA THR B 504 3.70 15.76 -2.67
C THR B 504 3.49 14.22 -2.82
N LEU B 505 4.57 13.47 -2.59
CA LEU B 505 4.58 12.03 -2.75
C LEU B 505 3.58 11.43 -1.75
N PRO B 506 2.69 10.60 -2.27
CA PRO B 506 1.76 9.89 -1.40
C PRO B 506 2.40 8.80 -0.56
N GLU B 507 1.62 8.26 0.36
CA GLU B 507 2.06 7.16 1.20
C GLU B 507 1.05 6.02 1.18
N ALA B 508 1.56 4.79 1.20
CA ALA B 508 0.71 3.63 1.25
C ALA B 508 0.14 3.43 2.66
N GLN B 509 -1.17 3.23 2.76
CA GLN B 509 -1.80 3.02 4.07
C GLN B 509 -2.85 1.90 3.98
N ALA B 510 -3.28 1.37 5.13
CA ALA B 510 -4.21 0.22 5.18
C ALA B 510 -5.57 0.57 4.69
N GLY B 511 -6.06 1.75 5.09
CA GLY B 511 -7.41 2.11 4.74
C GLY B 511 -7.69 3.59 4.52
N GLU B 512 -8.79 4.10 5.04
CA GLU B 512 -9.11 5.47 4.70
C GLU B 512 -8.39 6.41 5.62
N ARG B 513 -8.28 6.03 6.89
CA ARG B 513 -7.49 6.85 7.78
C ARG B 513 -6.02 7.00 7.35
N ILE B 514 -5.61 8.26 7.33
CA ILE B 514 -4.23 8.63 7.16
C ILE B 514 -3.58 8.71 8.52
N PRO B 515 -2.45 8.02 8.66
CA PRO B 515 -1.76 8.03 9.96
C PRO B 515 -1.31 9.43 10.37
N GLN B 516 -1.34 9.72 11.68
CA GLN B 516 -1.06 11.07 12.21
C GLN B 516 0.29 11.61 11.70
N GLU B 517 1.30 10.74 11.71
CA GLU B 517 2.65 11.12 11.28
C GLU B 517 2.70 11.39 9.79
N VAL B 518 1.92 10.65 9.03
CA VAL B 518 1.88 10.88 7.61
C VAL B 518 1.24 12.24 7.30
N VAL B 519 0.11 12.52 7.94
CA VAL B 519 -0.58 13.79 7.78
C VAL B 519 0.41 14.92 8.06
N TRP B 520 1.09 14.84 9.20
CA TRP B 520 2.08 15.84 9.53
C TRP B 520 3.21 15.96 8.47
N ASP B 521 3.76 14.83 8.03
CA ASP B 521 4.86 14.85 7.06
C ASP B 521 4.48 15.52 5.75
N LEU B 522 3.28 15.17 5.28
CA LEU B 522 2.80 15.75 4.05
C LEU B 522 2.66 17.24 4.21
N LEU B 523 2.06 17.60 5.34
CA LEU B 523 1.88 18.98 5.68
C LEU B 523 3.21 19.72 5.73
N GLU B 524 4.21 19.10 6.38
CA GLU B 524 5.51 19.73 6.50
C GLU B 524 6.13 19.96 5.10
N GLU B 525 6.00 19.00 4.19
CA GLU B 525 6.42 19.26 2.82
C GLU B 525 5.75 20.48 2.20
N THR B 526 4.42 20.63 2.34
CA THR B 526 3.80 21.82 1.75
C THR B 526 4.26 23.13 2.40
N LEU B 527 4.50 23.07 3.71
CA LEU B 527 5.00 24.24 4.43
C LEU B 527 6.35 24.59 3.93
N TRP B 528 7.13 23.56 3.67
CA TRP B 528 8.50 23.70 3.21
C TRP B 528 8.47 24.28 1.75
N ALA B 529 7.46 23.89 0.97
CA ALA B 529 7.26 24.46 -0.37
C ALA B 529 6.96 25.96 -0.30
N PHE B 530 6.11 26.34 0.66
CA PHE B 530 5.82 27.76 0.89
C PHE B 530 7.12 28.43 1.30
N ARG B 531 7.88 27.81 2.21
CA ARG B 531 9.10 28.44 2.68
C ARG B 531 10.16 28.57 1.55
N ARG B 532 10.17 27.64 0.60
CA ARG B 532 11.09 27.73 -0.55
C ARG B 532 10.65 28.77 -1.53
N LYS B 533 9.34 29.00 -1.56
CA LYS B 533 8.80 29.97 -2.46
C LYS B 533 8.49 31.31 -2.02
N ALA B 534 8.74 31.61 -0.77
CA ALA B 534 8.35 32.89 -0.28
C ALA B 534 9.36 33.34 0.74
N GLY B 535 10.21 32.43 1.21
CA GLY B 535 11.24 32.86 2.12
C GLY B 535 10.79 33.05 3.54
N ARG B 536 9.56 32.66 3.83
CA ARG B 536 9.09 32.73 5.21
C ARG B 536 8.06 31.66 5.46
N LEU B 537 7.63 31.48 6.70
CA LEU B 537 6.56 30.54 6.99
C LEU B 537 5.23 31.25 6.83
N PRO B 538 4.18 30.51 6.48
CA PRO B 538 2.87 31.16 6.35
C PRO B 538 2.31 31.50 7.73
N SER B 539 1.52 32.55 7.86
CA SER B 539 1.01 32.83 9.20
C SER B 539 -0.17 31.94 9.59
N ARG B 540 -0.95 31.51 8.59
CA ARG B 540 -2.15 30.70 8.83
C ARG B 540 -2.34 29.70 7.65
N VAL B 541 -2.73 28.46 7.93
CA VAL B 541 -2.97 27.51 6.83
C VAL B 541 -4.42 27.01 6.83
N LEU B 542 -4.92 26.73 5.63
CA LEU B 542 -6.24 26.17 5.49
C LEU B 542 -6.01 24.73 5.12
N LEU B 543 -6.44 23.86 6.04
CA LEU B 543 -6.34 22.42 5.90
C LEU B 543 -7.68 21.87 5.45
N LEU B 544 -7.72 21.20 4.31
CA LEU B 544 -8.94 20.60 3.82
C LEU B 544 -8.89 19.08 3.71
N ARG B 545 -9.94 18.43 4.15
CA ARG B 545 -10.01 16.99 4.10
C ARG B 545 -11.16 16.54 3.27
N ASN B 546 -10.91 15.71 2.28
CA ASN B 546 -11.97 15.20 1.47
C ASN B 546 -12.76 14.19 2.26
N GLY B 547 -14.06 14.41 2.46
CA GLY B 547 -14.86 13.49 3.22
C GLY B 547 -14.71 13.72 4.71
N ARG B 548 -14.99 12.71 5.53
CA ARG B 548 -14.86 12.95 6.95
C ARG B 548 -13.45 12.93 7.50
N VAL B 549 -13.21 13.70 8.56
CA VAL B 549 -11.93 13.56 9.30
C VAL B 549 -12.03 12.50 10.42
N PRO B 550 -11.36 11.34 10.27
CA PRO B 550 -11.32 10.34 11.34
C PRO B 550 -10.82 10.93 12.67
N GLN B 551 -11.36 10.46 13.83
CA GLN B 551 -11.01 10.97 15.16
C GLN B 551 -9.50 11.09 15.38
N ASP B 552 -9.03 12.31 15.64
CA ASP B 552 -7.63 12.59 15.99
C ASP B 552 -6.66 12.41 14.83
N GLU B 553 -7.15 12.29 13.60
CA GLU B 553 -6.28 12.09 12.45
C GLU B 553 -5.26 13.21 12.30
N PHE B 554 -5.70 14.42 12.61
CA PHE B 554 -4.87 15.63 12.47
C PHE B 554 -4.25 16.08 13.78
N ALA B 555 -4.38 15.28 14.83
CA ALA B 555 -3.97 15.70 16.16
C ALA B 555 -2.50 16.11 16.25
N LEU B 556 -1.62 15.23 15.81
CA LEU B 556 -0.18 15.52 15.75
C LEU B 556 0.16 16.77 14.93
N ALA B 557 -0.32 16.79 13.69
CA ALA B 557 -0.13 17.91 12.80
C ALA B 557 -0.54 19.23 13.40
N LEU B 558 -1.72 19.20 14.00
CA LEU B 558 -2.31 20.36 14.61
C LEU B 558 -1.35 20.85 15.74
N GLU B 559 -0.88 19.89 16.56
CA GLU B 559 0.08 20.20 17.62
C GLU B 559 1.41 20.80 17.07
N ALA B 560 1.92 20.22 15.99
CA ALA B 560 3.15 20.70 15.40
C ALA B 560 3.00 22.12 14.85
N LEU B 561 1.87 22.42 14.21
CA LEU B 561 1.62 23.78 13.75
C LEU B 561 1.60 24.75 14.91
N ALA B 562 0.91 24.37 15.98
CA ALA B 562 0.87 25.22 17.15
C ALA B 562 2.29 25.54 17.60
N ARG B 563 3.05 24.48 17.84
CA ARG B 563 4.45 24.59 18.22
C ARG B 563 5.25 25.53 17.34
N GLU B 564 4.94 25.51 16.07
CA GLU B 564 5.73 26.22 15.11
C GLU B 564 5.20 27.65 14.94
N GLY B 565 4.15 28.02 15.70
CA GLY B 565 3.58 29.37 15.63
C GLY B 565 2.72 29.68 14.41
N ILE B 566 2.28 28.62 13.74
CA ILE B 566 1.45 28.70 12.56
C ILE B 566 -0.05 28.50 12.90
N ALA B 567 -0.85 29.50 12.61
CA ALA B 567 -2.29 29.39 12.85
C ALA B 567 -2.89 28.45 11.80
N TYR B 568 -4.06 27.89 12.09
CA TYR B 568 -4.66 26.90 11.22
C TYR B 568 -6.18 26.87 11.29
N ASP B 569 -6.78 26.28 10.25
CA ASP B 569 -8.16 25.81 10.29
C ASP B 569 -8.30 24.44 9.67
N LEU B 570 -9.12 23.57 10.26
CA LEU B 570 -9.40 22.25 9.66
C LEU B 570 -10.81 22.17 9.14
N VAL B 571 -10.97 21.80 7.89
CA VAL B 571 -12.32 21.73 7.38
C VAL B 571 -12.57 20.41 6.67
N SER B 572 -13.59 19.72 7.13
CA SER B 572 -14.06 18.50 6.49
C SER B 572 -14.96 18.85 5.31
N VAL B 573 -14.64 18.38 4.12
CA VAL B 573 -15.46 18.67 2.95
C VAL B 573 -16.17 17.42 2.41
N ARG B 574 -17.47 17.29 2.68
CA ARG B 574 -18.22 16.10 2.22
C ARG B 574 -18.97 16.36 0.93
N LYS B 575 -18.85 15.45 -0.05
CA LYS B 575 -19.43 15.63 -1.38
C LYS B 575 -20.86 15.08 -1.41
N SER B 576 -21.22 14.36 -0.35
CA SER B 576 -22.55 13.82 -0.17
C SER B 576 -22.96 14.15 1.25
N GLY B 577 -24.25 14.43 1.44
CA GLY B 577 -24.80 14.53 2.77
C GLY B 577 -25.31 15.93 3.03
N GLY B 578 -25.06 16.78 2.04
CA GLY B 578 -25.44 18.18 2.15
C GLY B 578 -26.87 18.42 1.75
N GLY B 579 -27.43 17.45 1.05
CA GLY B 579 -28.81 17.56 0.66
C GLY B 579 -28.93 18.50 -0.50
N ARG B 580 -30.07 19.19 -0.57
CA ARG B 580 -30.24 20.04 -1.70
C ARG B 580 -30.69 21.49 -1.31
N VAL B 581 -30.43 22.48 -2.16
CA VAL B 581 -30.85 23.86 -1.87
C VAL B 581 -31.56 24.53 -3.07
N TYR B 582 -32.71 25.14 -2.81
CA TYR B 582 -33.51 25.76 -3.87
C TYR B 582 -33.81 27.19 -3.45
N PRO B 583 -33.76 28.14 -4.40
CA PRO B 583 -34.11 29.51 -4.04
C PRO B 583 -35.60 29.63 -3.71
N VAL B 584 -35.93 30.48 -2.74
CA VAL B 584 -37.31 30.79 -2.39
C VAL B 584 -37.89 31.54 -3.59
N GLN B 585 -37.09 32.44 -4.17
CA GLN B 585 -37.52 33.16 -5.38
C GLN B 585 -36.36 33.33 -6.35
N GLY B 586 -36.68 33.47 -7.63
CA GLY B 586 -35.65 33.73 -8.62
C GLY B 586 -34.89 32.54 -9.13
N ARG B 587 -33.80 32.82 -9.85
CA ARG B 587 -33.02 31.77 -10.52
C ARG B 587 -31.99 31.27 -9.50
N LEU B 588 -31.49 30.06 -9.70
CA LEU B 588 -30.50 29.49 -8.77
C LEU B 588 -29.06 29.81 -9.22
N ALA B 589 -28.31 30.52 -8.38
CA ALA B 589 -26.92 30.87 -8.72
C ALA B 589 -25.95 30.22 -7.75
N ASP B 590 -24.74 29.92 -8.23
CA ASP B 590 -23.77 29.34 -7.32
C ASP B 590 -23.11 30.41 -6.46
N GLY B 591 -22.18 29.99 -5.61
CA GLY B 591 -21.59 30.86 -4.61
C GLY B 591 -22.50 31.12 -3.42
N LEU B 592 -23.29 30.10 -3.07
CA LEU B 592 -24.19 30.18 -1.92
C LEU B 592 -23.60 29.54 -0.66
N TYR B 593 -23.64 30.29 0.43
CA TYR B 593 -23.20 29.79 1.71
C TYR B 593 -24.40 29.64 2.67
N VAL B 594 -24.59 28.47 3.26
CA VAL B 594 -25.77 28.29 4.11
C VAL B 594 -25.41 27.72 5.43
N PRO B 595 -25.19 28.57 6.42
CA PRO B 595 -24.86 28.02 7.74
C PRO B 595 -26.03 27.27 8.33
N LEU B 596 -25.79 26.05 8.78
CA LEU B 596 -26.83 25.29 9.41
C LEU B 596 -26.61 25.29 10.90
N GLU B 597 -26.18 24.18 11.48
CA GLU B 597 -25.95 24.28 12.88
C GLU B 597 -24.69 25.06 13.10
N ASP B 598 -24.18 25.10 14.33
CA ASP B 598 -22.90 25.76 14.50
C ASP B 598 -21.82 24.82 13.94
N LYS B 599 -20.86 25.47 13.30
CA LYS B 599 -19.68 24.88 12.71
C LYS B 599 -19.97 23.94 11.51
N THR B 600 -21.19 23.95 10.99
CA THR B 600 -21.54 23.06 9.91
C THR B 600 -22.25 23.93 8.87
N PHE B 601 -21.89 23.81 7.59
CA PHE B 601 -22.59 24.63 6.60
C PHE B 601 -22.58 24.04 5.21
N LEU B 602 -23.55 24.44 4.39
CA LEU B 602 -23.57 24.01 2.98
C LEU B 602 -22.93 25.08 2.12
N LEU B 603 -22.36 24.65 1.00
CA LEU B 603 -21.70 25.58 0.11
C LEU B 603 -21.96 25.11 -1.31
N LEU B 604 -22.76 25.88 -2.02
CA LEU B 604 -22.99 25.67 -3.43
C LEU B 604 -21.91 26.43 -4.18
N THR B 605 -20.99 25.66 -4.74
CA THR B 605 -19.83 26.25 -5.39
C THR B 605 -19.94 26.41 -6.89
N VAL B 606 -20.66 25.47 -7.50
CA VAL B 606 -20.81 25.41 -8.94
C VAL B 606 -22.23 25.08 -9.30
N HIS B 607 -22.69 25.66 -10.39
CA HIS B 607 -24.00 25.37 -10.97
C HIS B 607 -24.08 25.78 -12.41
N ARG B 608 -24.59 24.87 -13.22
CA ARG B 608 -24.95 25.14 -14.59
C ARG B 608 -26.38 24.69 -14.91
N ASP B 609 -27.17 25.55 -15.57
CA ASP B 609 -28.57 25.25 -15.81
C ASP B 609 -28.78 23.91 -16.59
N PHE B 610 -27.81 23.51 -17.42
CA PHE B 610 -27.90 22.30 -18.27
C PHE B 610 -27.39 21.02 -17.64
N ARG B 611 -26.78 21.12 -16.46
CA ARG B 611 -26.04 19.99 -15.89
C ARG B 611 -26.96 19.10 -15.05
N GLY B 612 -28.02 19.73 -14.55
CA GLY B 612 -28.95 19.07 -13.65
C GLY B 612 -29.12 19.98 -12.46
N THR B 613 -29.53 19.42 -11.35
CA THR B 613 -29.74 20.17 -10.13
C THR B 613 -28.46 20.00 -9.33
N PRO B 614 -27.88 21.13 -8.87
CA PRO B 614 -26.67 21.22 -8.03
C PRO B 614 -26.74 20.41 -6.75
N ARG B 615 -25.58 19.92 -6.32
CA ARG B 615 -25.43 19.27 -5.03
C ARG B 615 -24.47 20.03 -4.11
N PRO B 616 -25.00 20.79 -3.15
CA PRO B 616 -24.10 21.60 -2.33
C PRO B 616 -23.14 20.69 -1.54
N LEU B 617 -21.95 21.21 -1.31
CA LEU B 617 -20.96 20.55 -0.46
C LEU B 617 -21.39 20.73 0.96
N LYS B 618 -21.13 19.75 1.80
CA LYS B 618 -21.35 19.89 3.23
C LYS B 618 -20.02 20.00 4.00
N LEU B 619 -19.81 21.11 4.67
CA LEU B 619 -18.54 21.38 5.33
C LEU B 619 -18.63 21.42 6.85
N VAL B 620 -17.63 20.87 7.52
CA VAL B 620 -17.64 20.95 8.97
C VAL B 620 -16.33 21.55 9.45
N HIS B 621 -16.44 22.66 10.18
CA HIS B 621 -15.26 23.33 10.72
C HIS B 621 -14.77 22.58 11.97
N GLU B 622 -13.72 21.79 11.79
CA GLU B 622 -13.24 20.87 12.79
C GLU B 622 -12.30 21.48 13.82
N ALA B 623 -11.43 22.37 13.39
CA ALA B 623 -10.55 23.06 14.32
C ALA B 623 -10.17 24.39 13.75
N GLY B 624 -9.89 25.35 14.63
CA GLY B 624 -9.56 26.72 14.24
C GLY B 624 -10.64 27.73 14.66
N ASP B 625 -10.33 29.03 14.57
CA ASP B 625 -11.32 30.01 15.01
C ASP B 625 -11.61 31.02 13.92
N THR B 626 -11.31 30.70 12.66
CA THR B 626 -11.71 31.55 11.56
C THR B 626 -13.22 31.53 11.40
N PRO B 627 -13.82 32.73 11.34
CA PRO B 627 -15.26 32.75 11.18
C PRO B 627 -15.70 31.93 9.99
N LEU B 628 -16.79 31.20 10.11
CA LEU B 628 -17.32 30.33 9.06
C LEU B 628 -17.46 30.99 7.71
N GLU B 629 -17.97 32.21 7.70
CA GLU B 629 -18.16 32.93 6.45
C GLU B 629 -16.83 33.13 5.74
N ALA B 630 -15.76 33.36 6.50
CA ALA B 630 -14.44 33.54 5.88
C ALA B 630 -13.91 32.28 5.24
N LEU B 631 -14.10 31.17 5.94
CA LEU B 631 -13.73 29.85 5.43
C LEU B 631 -14.50 29.60 4.14
N ALA B 632 -15.81 29.90 4.16
CA ALA B 632 -16.66 29.68 2.99
C ALA B 632 -16.19 30.56 1.82
N HIS B 633 -15.75 31.76 2.12
CA HIS B 633 -15.22 32.65 1.08
C HIS B 633 -13.97 32.10 0.43
N GLN B 634 -12.98 31.75 1.25
CA GLN B 634 -11.75 31.23 0.65
C GLN B 634 -11.95 29.89 -0.07
N ILE B 635 -12.77 28.99 0.49
CA ILE B 635 -13.01 27.71 -0.19
C ILE B 635 -13.79 27.87 -1.53
N PHE B 636 -14.83 28.69 -1.48
CA PHE B 636 -15.58 29.00 -2.69
C PHE B 636 -14.64 29.55 -3.76
N HIS B 637 -13.83 30.54 -3.39
CA HIS B 637 -12.86 31.10 -4.32
C HIS B 637 -11.85 30.05 -4.84
N LEU B 638 -11.39 29.17 -3.95
CA LEU B 638 -10.46 28.12 -4.32
C LEU B 638 -10.98 27.21 -5.41
N THR B 639 -12.30 27.12 -5.58
CA THR B 639 -12.76 26.26 -6.68
C THR B 639 -12.37 26.81 -8.07
N ARG B 640 -12.09 28.10 -8.19
CA ARG B 640 -11.76 28.71 -9.48
C ARG B 640 -10.27 28.66 -9.92
N LEU B 641 -9.41 28.15 -9.05
CA LEU B 641 -7.95 28.10 -9.27
C LEU B 641 -7.47 26.99 -10.19
N TYR B 642 -8.26 25.95 -10.33
CA TYR B 642 -7.86 24.78 -11.12
C TYR B 642 -7.56 25.16 -12.57
N PRO B 643 -6.33 24.92 -13.04
CA PRO B 643 -5.85 25.37 -14.36
C PRO B 643 -6.23 24.45 -15.53
N ALA B 644 -6.51 23.16 -15.31
CA ALA B 644 -6.65 22.25 -16.45
C ALA B 644 -8.11 22.07 -16.90
N SER B 645 -9.02 22.84 -16.32
CA SER B 645 -10.39 22.88 -16.85
C SER B 645 -10.69 24.29 -17.35
N GLY B 646 -10.65 24.46 -18.67
CA GLY B 646 -10.86 25.75 -19.32
C GLY B 646 -12.23 26.44 -19.17
N PHE B 647 -13.30 25.65 -19.14
CA PHE B 647 -14.61 26.24 -19.33
C PHE B 647 -15.60 25.89 -18.24
N ALA B 648 -15.16 25.08 -17.28
CA ALA B 648 -16.02 24.72 -16.17
C ALA B 648 -15.16 24.55 -14.93
N PHE B 649 -15.63 25.14 -13.84
CA PHE B 649 -14.95 25.04 -12.56
C PHE B 649 -15.31 23.78 -11.82
N PRO B 650 -14.33 23.21 -11.13
CA PRO B 650 -14.66 22.02 -10.34
C PRO B 650 -15.47 22.41 -9.13
N ARG B 651 -16.26 21.45 -8.64
CA ARG B 651 -17.10 21.63 -7.47
C ARG B 651 -16.19 21.74 -6.22
N LEU B 652 -15.13 20.94 -6.15
CA LEU B 652 -14.21 20.98 -5.02
C LEU B 652 -13.17 22.07 -5.21
N PRO B 653 -12.76 22.72 -4.10
CA PRO B 653 -11.66 23.70 -4.12
C PRO B 653 -10.40 23.03 -4.69
N ALA B 654 -9.61 23.77 -5.48
CA ALA B 654 -8.47 23.21 -6.19
C ALA B 654 -7.52 22.31 -5.37
N PRO B 655 -7.15 22.69 -4.13
CA PRO B 655 -6.33 21.72 -3.36
C PRO B 655 -6.93 20.32 -3.25
N LEU B 656 -8.24 20.24 -3.01
CA LEU B 656 -8.89 18.94 -2.87
C LEU B 656 -9.08 18.26 -4.23
N HIS B 657 -9.45 19.03 -5.24
CA HIS B 657 -9.62 18.48 -6.56
C HIS B 657 -8.30 17.88 -7.07
N LEU B 658 -7.23 18.65 -6.89
CA LEU B 658 -5.89 18.17 -7.26
C LEU B 658 -5.53 16.95 -6.44
N ALA B 659 -5.76 17.02 -5.14
CA ALA B 659 -5.39 15.92 -4.30
C ALA B 659 -6.15 14.63 -4.69
N ASP B 660 -7.45 14.76 -4.93
CA ASP B 660 -8.23 13.62 -5.36
C ASP B 660 -7.68 13.05 -6.66
N ARG B 661 -7.37 13.91 -7.64
CA ARG B 661 -6.76 13.42 -8.88
C ARG B 661 -5.38 12.74 -8.63
N LEU B 662 -4.54 13.34 -7.77
CA LEU B 662 -3.24 12.81 -7.40
C LEU B 662 -3.35 11.39 -6.89
N VAL B 663 -4.13 11.17 -5.85
CA VAL B 663 -4.21 9.81 -5.31
C VAL B 663 -4.86 8.86 -6.31
N LYS B 664 -5.76 9.36 -7.17
CA LYS B 664 -6.30 8.49 -8.20
C LYS B 664 -5.21 7.99 -9.21
N GLU B 665 -4.38 8.92 -9.71
CA GLU B 665 -3.34 8.57 -10.69
C GLU B 665 -2.27 7.66 -10.09
N VAL B 666 -1.87 7.95 -8.86
CA VAL B 666 -0.92 7.09 -8.20
C VAL B 666 -1.53 5.69 -7.96
N GLY B 667 -2.80 5.66 -7.61
CA GLY B 667 -3.52 4.39 -7.52
C GLY B 667 -3.48 3.61 -8.82
N ARG B 668 -3.54 4.33 -9.93
CA ARG B 668 -3.49 3.71 -11.24
C ARG B 668 -2.12 3.28 -11.78
N LEU B 669 -1.08 4.07 -11.57
CA LEU B 669 0.22 3.87 -12.22
C LEU B 669 1.21 3.21 -11.27
N GLY B 670 1.01 3.51 -9.98
CA GLY B 670 1.93 3.11 -8.95
C GLY B 670 2.75 4.33 -8.56
N ILE B 671 3.40 4.25 -7.41
CA ILE B 671 4.16 5.35 -6.89
C ILE B 671 5.62 5.28 -7.34
N ARG B 672 6.00 4.14 -7.92
CA ARG B 672 7.41 3.89 -8.24
C ARG B 672 7.96 4.76 -9.37
N HIS B 673 7.07 5.41 -10.11
CA HIS B 673 7.52 6.20 -11.27
C HIS B 673 7.80 7.70 -10.98
N LEU B 674 7.54 8.16 -9.75
CA LEU B 674 7.49 9.59 -9.48
C LEU B 674 8.78 10.20 -8.91
N LYS B 675 9.82 9.40 -8.75
CA LYS B 675 11.01 9.90 -8.08
C LYS B 675 11.62 11.15 -8.72
N GLU B 676 11.64 11.17 -10.05
CA GLU B 676 12.26 12.27 -10.80
C GLU B 676 11.29 13.23 -11.40
N VAL B 677 10.06 13.27 -10.91
CA VAL B 677 9.01 14.19 -11.39
C VAL B 677 8.86 15.42 -10.50
N ASP B 678 9.00 16.64 -11.04
CA ASP B 678 9.00 17.80 -10.18
C ASP B 678 7.62 17.99 -9.55
N ARG B 679 7.59 18.45 -8.31
CA ARG B 679 6.38 18.57 -7.51
C ARG B 679 5.52 19.74 -8.02
N GLU B 680 6.09 20.58 -8.89
CA GLU B 680 5.31 21.70 -9.48
C GLU B 680 4.63 21.34 -10.77
N LYS B 681 5.00 20.19 -11.31
CA LYS B 681 4.38 19.66 -12.53
C LYS B 681 3.17 18.82 -12.17
N LEU B 682 2.00 19.26 -12.63
CA LEU B 682 0.77 18.57 -12.23
C LEU B 682 0.44 17.44 -13.20
N PHE B 683 1.18 16.35 -13.05
CA PHE B 683 1.16 15.24 -14.01
C PHE B 683 -0.18 14.50 -14.09
N PHE B 684 -1.05 14.72 -13.10
CA PHE B 684 -2.26 13.93 -12.97
C PHE B 684 -3.54 14.57 -13.48
N VAL B 685 -3.45 15.82 -13.94
CA VAL B 685 -4.62 16.49 -14.49
C VAL B 685 -5.05 15.85 -15.83
MG MG G . 23.68 0.18 9.75
MG MG H . -6.55 14.00 -17.59
#